data_4FQ4
#
_entry.id   4FQ4
#
_cell.length_a   76.275
_cell.length_b   82.642
_cell.length_c   117.001
_cell.angle_alpha   90.000
_cell.angle_beta   90.000
_cell.angle_gamma   90.000
#
_symmetry.space_group_name_H-M   'P 21 21 21'
#
loop_
_entity.id
_entity.type
_entity.pdbx_description
1 polymer 'Sialidase B'
2 non-polymer '2-[(4-fluoro-3-methylbenzyl)amino]ethanesulfonic acid'
3 non-polymer 'DIMETHYL SULFOXIDE'
4 water water
#
_entity_poly.entity_id   1
_entity_poly.type   'polypeptide(L)'
_entity_poly.pdbx_seq_one_letter_code
;MNKRGLYSKLGISVVGISLLMGVPTLIHANELNYGQLSISPIFQGGSYQLNNKSIDISSLLLDKLSGESQTVVMKFKADK
PNSLQALFGLSNSKAGFKNNYFSIFMRDSGEIGVEIRDAQKGINYLFSRPASLWGKHKGQAVENTLVFVSDSKDKTYTMY
VNGIEVFSETVDTFLPISNINGIDKATLGAVNREGKEHYLAKGSIDEISLFNKAISDQEVSTIPLSNPFQLIFQSGDSTQ
ANYFRIPTLYTLSSGRVLSSIDARYGGTHDSKSKINIATSYSDDNGKTWSEPIFAMKFNDYEEQLVYWPRDNKLKNSQIS
GSASFIDSSIVEDKKSGKTILLADVMPAGIGNNNANKADSGFKEINGHYYLKLKKNGDNDFRYTVRENGVVYNETTNKPT
NYTINDKYEVLEGGKSLTVEQYSVDFDSGSLRERHNGKQVPMNVFYKDSLFKVTPTNYIAMTTSQNRGESWEQFKLLPPF
LGEKHNGTYLCPGQGLALKSSNRLIFATYTSGELTYLISDDSGQTWKKSSASIPFKNATAEAQMVELRDGVIRTFFRTTT
GKIAYMTSRDSGETWSKVSYIDGIQQTSYGTQVSAIKYSQLIDGKEAVILSTPNSRSGRKGGQLVVGLVNKEDDSIDWKY
HYDIDLPSYGYAYSAITELPNHHIGVLFEKYDSWSRNELHLSNVVQYIDLEINDLTK
;
_entity_poly.pdbx_strand_id   A
#
# COMPACT_ATOMS: atom_id res chain seq x y z
N ILE A 39 20.04 -25.69 -17.07
CA ILE A 39 20.61 -26.96 -16.63
C ILE A 39 19.63 -27.70 -15.72
N SER A 40 19.85 -28.99 -15.55
CA SER A 40 18.98 -29.82 -14.72
C SER A 40 19.48 -29.87 -13.28
N PRO A 41 18.60 -30.26 -12.33
CA PRO A 41 19.05 -30.22 -10.93
C PRO A 41 20.07 -31.31 -10.63
N ILE A 42 20.90 -31.06 -9.64
CA ILE A 42 21.86 -32.06 -9.17
C ILE A 42 21.17 -32.88 -8.08
N PHE A 43 20.07 -32.34 -7.57
CA PHE A 43 19.25 -33.03 -6.57
C PHE A 43 17.80 -32.58 -6.68
N GLN A 44 16.89 -33.53 -6.57
CA GLN A 44 15.48 -33.22 -6.64
C GLN A 44 14.72 -34.22 -5.78
N GLY A 45 13.83 -33.71 -4.94
CA GLY A 45 13.05 -34.53 -4.04
C GLY A 45 11.76 -33.84 -3.67
N GLY A 46 10.85 -34.57 -3.03
CA GLY A 46 9.59 -33.96 -2.66
C GLY A 46 8.72 -34.78 -1.73
N SER A 47 7.54 -34.24 -1.44
CA SER A 47 6.60 -34.81 -0.48
C SER A 47 7.25 -35.05 0.89
N TYR A 48 7.99 -34.07 1.38
CA TYR A 48 8.54 -34.17 2.73
C TYR A 48 7.63 -33.50 3.75
N GLN A 49 7.18 -34.25 4.75
CA GLN A 49 6.38 -33.68 5.82
C GLN A 49 7.32 -33.27 6.94
N LEU A 50 7.25 -32.00 7.35
CA LEU A 50 8.08 -31.52 8.44
C LEU A 50 7.22 -31.43 9.71
N ASN A 51 7.29 -32.44 10.57
CA ASN A 51 6.47 -32.47 11.76
C ASN A 51 7.30 -32.37 13.02
N ASN A 52 7.99 -31.24 13.17
CA ASN A 52 8.89 -31.03 14.28
C ASN A 52 9.89 -32.17 14.43
N LYS A 53 10.39 -32.63 13.29
CA LYS A 53 11.43 -33.64 13.24
C LYS A 53 12.17 -33.49 11.92
N SER A 54 13.47 -33.23 11.99
CA SER A 54 14.24 -32.98 10.79
C SER A 54 14.37 -34.23 9.93
N ILE A 55 14.62 -34.02 8.64
CA ILE A 55 14.89 -35.10 7.70
C ILE A 55 16.30 -34.95 7.16
N ASP A 56 17.09 -36.01 7.32
CA ASP A 56 18.47 -35.99 6.83
C ASP A 56 18.56 -36.34 5.35
N ILE A 57 19.08 -35.41 4.55
CA ILE A 57 19.31 -35.69 3.13
C ILE A 57 20.78 -35.59 2.75
N SER A 58 21.66 -35.72 3.74
CA SER A 58 23.10 -35.59 3.52
C SER A 58 23.61 -36.55 2.43
N SER A 59 23.24 -37.82 2.55
CA SER A 59 23.66 -38.85 1.60
C SER A 59 23.30 -38.50 0.17
N LEU A 60 22.09 -37.97 0.00
CA LEU A 60 21.57 -37.64 -1.31
C LEU A 60 22.20 -36.39 -1.92
N LEU A 61 22.55 -35.43 -1.08
CA LEU A 61 22.88 -34.08 -1.58
C LEU A 61 24.34 -33.64 -1.49
N LEU A 62 25.00 -33.89 -0.36
CA LEU A 62 26.30 -33.26 -0.09
C LEU A 62 27.36 -33.49 -1.16
N ASP A 63 27.49 -34.73 -1.61
CA ASP A 63 28.50 -35.04 -2.63
C ASP A 63 28.08 -34.62 -4.04
N LYS A 64 26.89 -34.04 -4.16
CA LYS A 64 26.42 -33.51 -5.44
C LYS A 64 26.83 -32.04 -5.58
N LEU A 65 27.01 -31.36 -4.44
CA LEU A 65 27.34 -29.94 -4.43
C LEU A 65 28.75 -29.70 -4.94
N SER A 66 28.89 -28.80 -5.92
CA SER A 66 30.21 -28.52 -6.48
C SER A 66 30.25 -27.13 -7.08
N GLY A 67 31.41 -26.49 -6.99
CA GLY A 67 31.54 -25.12 -7.47
C GLY A 67 30.99 -24.14 -6.44
N GLU A 68 31.14 -22.84 -6.71
CA GLU A 68 30.84 -21.84 -5.69
C GLU A 68 29.48 -21.14 -5.87
N SER A 69 28.73 -21.51 -6.90
CA SER A 69 27.42 -20.91 -7.15
C SER A 69 26.32 -21.95 -7.04
N GLN A 70 25.20 -21.61 -6.40
CA GLN A 70 24.10 -22.57 -6.25
C GLN A 70 22.74 -21.91 -6.30
N THR A 71 21.74 -22.66 -6.74
CA THR A 71 20.35 -22.20 -6.69
C THR A 71 19.50 -23.23 -5.99
N VAL A 72 18.68 -22.77 -5.05
CA VAL A 72 17.72 -23.64 -4.38
C VAL A 72 16.32 -23.26 -4.83
N VAL A 73 15.54 -24.23 -5.29
CA VAL A 73 14.15 -23.98 -5.64
C VAL A 73 13.30 -24.87 -4.73
N MET A 74 12.38 -24.27 -3.99
CA MET A 74 11.65 -25.02 -2.97
C MET A 74 10.18 -24.62 -3.00
N LYS A 75 9.29 -25.58 -3.19
CA LYS A 75 7.85 -25.34 -3.07
C LYS A 75 7.39 -25.91 -1.74
N PHE A 76 6.88 -25.06 -0.86
CA PHE A 76 6.62 -25.46 0.52
C PHE A 76 5.33 -24.87 1.08
N LYS A 77 4.76 -25.56 2.06
CA LYS A 77 3.61 -25.07 2.79
C LYS A 77 3.94 -24.93 4.27
N ALA A 78 3.41 -23.87 4.88
CA ALA A 78 3.50 -23.71 6.32
C ALA A 78 2.27 -22.93 6.78
N ASP A 79 1.21 -23.64 7.15
CA ASP A 79 -0.01 -22.95 7.56
C ASP A 79 -0.15 -22.90 9.06
N LYS A 80 0.77 -23.58 9.76
CA LYS A 80 0.87 -23.48 11.21
C LYS A 80 2.33 -23.46 11.64
N PRO A 81 3.11 -22.47 11.17
CA PRO A 81 4.53 -22.47 11.49
C PRO A 81 4.83 -22.23 12.95
N ASN A 82 5.97 -22.75 13.40
CA ASN A 82 6.55 -22.36 14.66
C ASN A 82 7.02 -20.91 14.58
N SER A 83 7.36 -20.32 15.73
CA SER A 83 7.76 -18.91 15.80
C SER A 83 8.95 -18.62 14.87
N LEU A 84 9.94 -19.50 14.90
CA LEU A 84 11.11 -19.40 14.04
C LEU A 84 11.50 -20.80 13.60
N GLN A 85 11.51 -21.04 12.29
CA GLN A 85 11.86 -22.37 11.82
C GLN A 85 12.72 -22.38 10.55
N ALA A 86 13.64 -23.35 10.49
CA ALA A 86 14.46 -23.53 9.29
C ALA A 86 13.81 -24.55 8.36
N LEU A 87 13.67 -24.17 7.10
CA LEU A 87 13.18 -25.08 6.08
C LEU A 87 14.30 -25.97 5.55
N PHE A 88 15.48 -25.38 5.40
CA PHE A 88 16.60 -26.09 4.78
C PHE A 88 17.89 -25.66 5.46
N GLY A 89 18.80 -26.62 5.67
CA GLY A 89 20.07 -26.32 6.29
C GLY A 89 21.22 -27.13 5.71
N LEU A 90 22.38 -26.48 5.62
CA LEU A 90 23.64 -27.16 5.38
C LEU A 90 24.55 -26.77 6.53
N SER A 91 24.99 -27.73 7.32
CA SER A 91 25.75 -27.37 8.51
C SER A 91 26.96 -28.25 8.77
N ASN A 92 27.87 -27.71 9.57
CA ASN A 92 28.88 -28.50 10.26
C ASN A 92 28.25 -28.90 11.59
N SER A 93 27.99 -30.19 11.75
CA SER A 93 27.25 -30.65 12.93
C SER A 93 28.17 -31.01 14.08
N LYS A 94 29.48 -30.77 13.91
CA LYS A 94 30.47 -31.18 14.89
C LYS A 94 30.59 -30.24 16.10
N ALA A 95 30.96 -30.82 17.23
CA ALA A 95 31.21 -30.07 18.45
C ALA A 95 32.19 -28.92 18.22
N GLY A 96 31.80 -27.71 18.66
CA GLY A 96 32.66 -26.55 18.54
C GLY A 96 32.48 -25.76 17.24
N PHE A 97 31.56 -26.19 16.40
CA PHE A 97 31.32 -25.51 15.11
C PHE A 97 29.86 -25.13 14.93
N LYS A 98 29.21 -24.74 16.02
CA LYS A 98 27.77 -24.48 15.99
C LYS A 98 27.40 -23.29 15.12
N ASN A 99 28.39 -22.46 14.79
CA ASN A 99 28.13 -21.28 13.99
C ASN A 99 28.67 -21.42 12.57
N ASN A 100 28.76 -22.66 12.11
CA ASN A 100 29.14 -22.95 10.74
C ASN A 100 27.97 -23.60 10.02
N TYR A 101 27.13 -22.79 9.40
CA TYR A 101 25.98 -23.33 8.71
C TYR A 101 25.35 -22.35 7.74
N PHE A 102 24.63 -22.91 6.77
CA PHE A 102 23.75 -22.14 5.90
C PHE A 102 22.34 -22.59 6.20
N SER A 103 21.41 -21.64 6.23
CA SER A 103 20.01 -22.02 6.44
C SER A 103 19.08 -21.11 5.68
N ILE A 104 17.92 -21.64 5.30
CA ILE A 104 16.80 -20.83 4.83
C ILE A 104 15.76 -20.95 5.93
N PHE A 105 15.39 -19.83 6.52
CA PHE A 105 14.47 -19.84 7.66
C PHE A 105 13.28 -18.92 7.39
N MET A 106 12.23 -19.10 8.19
CA MET A 106 11.07 -18.21 8.14
C MET A 106 10.58 -17.94 9.56
N ARG A 107 9.78 -16.89 9.74
CA ARG A 107 9.16 -16.62 11.04
C ARG A 107 7.66 -16.74 10.91
N ASP A 108 6.95 -16.86 12.03
CA ASP A 108 5.48 -16.91 11.97
C ASP A 108 4.86 -15.54 11.62
N SER A 109 5.71 -14.51 11.48
CA SER A 109 5.27 -13.22 10.94
C SER A 109 5.18 -13.21 9.42
N GLY A 110 5.72 -14.24 8.78
CA GLY A 110 5.78 -14.28 7.32
C GLY A 110 7.11 -13.85 6.75
N GLU A 111 8.03 -13.49 7.64
CA GLU A 111 9.40 -13.15 7.24
C GLU A 111 10.16 -14.37 6.71
N ILE A 112 10.95 -14.15 5.66
CA ILE A 112 11.82 -15.18 5.07
C ILE A 112 13.25 -14.67 5.12
N GLY A 113 14.21 -15.58 5.24
CA GLY A 113 15.60 -15.16 5.19
C GLY A 113 16.61 -16.28 5.08
N VAL A 114 17.88 -15.92 5.06
CA VAL A 114 18.95 -16.92 5.11
C VAL A 114 19.99 -16.49 6.11
N GLU A 115 20.72 -17.48 6.63
CA GLU A 115 21.95 -17.21 7.36
C GLU A 115 23.06 -17.92 6.61
N ILE A 116 24.22 -17.28 6.51
CA ILE A 116 25.39 -17.92 5.92
C ILE A 116 26.57 -17.64 6.85
N ARG A 117 27.01 -18.67 7.57
CA ARG A 117 27.91 -18.48 8.69
C ARG A 117 29.12 -19.41 8.64
N ASP A 118 30.30 -18.86 8.90
CA ASP A 118 31.52 -19.66 8.98
C ASP A 118 32.44 -18.95 9.97
N ALA A 119 32.66 -19.56 11.13
CA ALA A 119 33.40 -18.93 12.21
C ALA A 119 34.89 -18.73 11.88
N GLN A 120 35.45 -19.68 11.15
CA GLN A 120 36.87 -19.60 10.79
C GLN A 120 37.09 -18.42 9.86
N LYS A 121 36.16 -18.20 8.93
CA LYS A 121 36.23 -17.09 7.99
C LYS A 121 35.79 -15.78 8.63
N GLY A 122 35.18 -15.86 9.80
CA GLY A 122 34.69 -14.67 10.48
C GLY A 122 33.50 -14.03 9.79
N ILE A 123 32.69 -14.87 9.15
CA ILE A 123 31.51 -14.40 8.40
C ILE A 123 30.21 -14.85 9.06
N ASN A 124 29.32 -13.89 9.31
CA ASN A 124 27.99 -14.22 9.82
C ASN A 124 26.95 -13.39 9.08
N TYR A 125 26.55 -13.86 7.90
CA TYR A 125 25.60 -13.10 7.08
C TYR A 125 24.18 -13.48 7.47
N LEU A 126 23.31 -12.47 7.54
CA LEU A 126 21.89 -12.69 7.79
C LEU A 126 21.19 -11.75 6.83
N PHE A 127 20.43 -12.31 5.88
CA PHE A 127 19.63 -11.48 4.98
C PHE A 127 18.19 -11.91 5.09
N SER A 128 17.27 -10.96 5.14
CA SER A 128 15.89 -11.36 5.28
C SER A 128 14.96 -10.26 4.83
N ARG A 129 13.70 -10.61 4.62
CA ARG A 129 12.65 -9.61 4.47
C ARG A 129 11.34 -10.02 5.13
N PRO A 130 10.77 -9.11 5.93
CA PRO A 130 9.45 -9.41 6.52
C PRO A 130 8.38 -9.58 5.46
N ALA A 131 7.25 -10.16 5.85
CA ALA A 131 6.04 -10.20 5.01
C ALA A 131 6.29 -10.73 3.58
N SER A 132 6.92 -11.89 3.47
CA SER A 132 7.24 -12.45 2.16
C SER A 132 6.42 -13.68 1.80
N LEU A 133 5.64 -14.19 2.75
CA LEU A 133 4.98 -15.49 2.58
C LEU A 133 3.45 -15.44 2.61
N TRP A 134 2.83 -16.47 2.02
CA TRP A 134 1.42 -16.79 2.27
C TRP A 134 1.31 -18.03 3.15
N GLY A 135 0.22 -18.13 3.90
CA GLY A 135 -0.01 -19.28 4.76
C GLY A 135 -1.18 -20.10 4.24
N LYS A 136 -2.36 -19.48 4.20
CA LYS A 136 -3.59 -20.13 3.76
C LYS A 136 -4.37 -19.20 2.85
N HIS A 137 -5.16 -19.79 1.96
CA HIS A 137 -6.07 -19.06 1.08
C HIS A 137 -7.30 -19.93 0.89
N LYS A 138 -8.48 -19.37 1.15
CA LYS A 138 -9.72 -20.14 1.16
C LYS A 138 -9.58 -21.33 2.11
N GLY A 139 -8.87 -21.10 3.21
CA GLY A 139 -8.70 -22.11 4.25
C GLY A 139 -7.76 -23.24 3.94
N GLN A 140 -7.17 -23.24 2.73
CA GLN A 140 -6.23 -24.29 2.34
C GLN A 140 -4.80 -23.78 2.35
N ALA A 141 -3.87 -24.62 2.79
CA ALA A 141 -2.46 -24.23 2.84
C ALA A 141 -1.92 -23.86 1.46
N VAL A 142 -1.24 -22.71 1.39
CA VAL A 142 -0.69 -22.19 0.14
C VAL A 142 0.67 -22.79 -0.17
N GLU A 143 0.87 -23.20 -1.42
CA GLU A 143 2.18 -23.64 -1.86
C GLU A 143 2.99 -22.43 -2.29
N ASN A 144 3.93 -22.03 -1.43
CA ASN A 144 4.85 -20.94 -1.73
C ASN A 144 5.98 -21.47 -2.60
N THR A 145 6.41 -20.66 -3.56
CA THR A 145 7.54 -21.04 -4.41
C THR A 145 8.73 -20.15 -4.08
N LEU A 146 9.77 -20.75 -3.52
CA LEU A 146 10.95 -19.99 -3.10
C LEU A 146 12.12 -20.30 -4.02
N VAL A 147 12.83 -19.26 -4.45
CA VAL A 147 14.02 -19.42 -5.27
C VAL A 147 15.14 -18.62 -4.63
N PHE A 148 16.20 -19.31 -4.21
CA PHE A 148 17.35 -18.64 -3.63
C PHE A 148 18.57 -18.83 -4.53
N VAL A 149 19.17 -17.71 -4.92
CA VAL A 149 20.32 -17.75 -5.84
C VAL A 149 21.57 -17.25 -5.14
N SER A 150 22.61 -18.10 -5.13
CA SER A 150 23.89 -17.76 -4.51
C SER A 150 24.95 -17.69 -5.61
N ASP A 151 25.37 -16.47 -5.93
CA ASP A 151 26.12 -16.20 -7.16
C ASP A 151 27.54 -15.71 -6.82
N SER A 152 28.52 -16.58 -6.99
CA SER A 152 29.89 -16.26 -6.60
C SER A 152 30.53 -15.23 -7.53
N LYS A 153 30.12 -15.24 -8.81
CA LYS A 153 30.72 -14.33 -9.78
C LYS A 153 30.37 -12.88 -9.47
N ASP A 154 29.08 -12.64 -9.21
CA ASP A 154 28.62 -11.29 -8.87
C ASP A 154 28.62 -11.05 -7.37
N LYS A 155 29.04 -12.07 -6.60
CA LYS A 155 29.09 -11.98 -5.14
C LYS A 155 27.76 -11.52 -4.56
N THR A 156 26.67 -12.12 -5.05
CA THR A 156 25.34 -11.64 -4.70
C THR A 156 24.43 -12.80 -4.28
N TYR A 157 23.64 -12.57 -3.23
CA TYR A 157 22.62 -13.52 -2.80
C TYR A 157 21.26 -12.92 -3.06
N THR A 158 20.39 -13.65 -3.76
CA THR A 158 19.09 -13.12 -4.14
C THR A 158 17.99 -14.10 -3.77
N MET A 159 16.92 -13.60 -3.14
CA MET A 159 15.79 -14.43 -2.75
C MET A 159 14.53 -13.96 -3.46
N TYR A 160 13.80 -14.90 -4.04
CA TYR A 160 12.47 -14.65 -4.60
C TYR A 160 11.49 -15.55 -3.86
N VAL A 161 10.29 -15.04 -3.58
CA VAL A 161 9.21 -15.89 -3.09
C VAL A 161 7.95 -15.52 -3.84
N ASN A 162 7.29 -16.52 -4.40
CA ASN A 162 6.06 -16.33 -5.17
C ASN A 162 6.20 -15.34 -6.31
N GLY A 163 7.37 -15.39 -6.94
CA GLY A 163 7.64 -14.59 -8.13
C GLY A 163 8.04 -13.17 -7.82
N ILE A 164 8.35 -12.90 -6.54
CA ILE A 164 8.71 -11.56 -6.12
C ILE A 164 10.09 -11.56 -5.50
N GLU A 165 10.98 -10.69 -5.99
CA GLU A 165 12.31 -10.55 -5.43
C GLU A 165 12.21 -9.82 -4.10
N VAL A 166 12.58 -10.50 -3.01
CA VAL A 166 12.41 -9.90 -1.68
C VAL A 166 13.72 -9.37 -1.10
N PHE A 167 14.85 -9.88 -1.59
CA PHE A 167 16.14 -9.23 -1.35
C PHE A 167 17.20 -9.63 -2.36
N SER A 168 18.19 -8.75 -2.54
CA SER A 168 19.32 -9.03 -3.40
C SER A 168 20.47 -8.32 -2.73
N GLU A 169 21.41 -9.09 -2.19
CA GLU A 169 22.47 -8.52 -1.37
C GLU A 169 23.83 -8.87 -1.92
N THR A 170 24.62 -7.83 -2.21
CA THR A 170 25.98 -8.00 -2.72
C THR A 170 26.95 -7.80 -1.57
N VAL A 171 27.95 -8.66 -1.48
CA VAL A 171 28.93 -8.58 -0.39
C VAL A 171 30.34 -8.43 -0.94
N ASP A 172 31.24 -7.88 -0.14
CA ASP A 172 32.64 -7.76 -0.53
C ASP A 172 33.34 -9.11 -0.49
N THR A 173 33.08 -9.86 0.59
CA THR A 173 33.64 -11.19 0.76
C THR A 173 32.55 -12.25 0.62
N PHE A 174 32.53 -12.93 -0.51
CA PHE A 174 31.49 -13.92 -0.78
C PHE A 174 31.77 -15.23 -0.04
N LEU A 175 30.71 -15.86 0.47
CA LEU A 175 30.79 -17.17 1.10
C LEU A 175 29.88 -18.14 0.38
N PRO A 176 30.46 -19.01 -0.46
CA PRO A 176 29.68 -20.05 -1.12
C PRO A 176 28.98 -20.94 -0.08
N ILE A 177 27.71 -21.26 -0.30
CA ILE A 177 26.89 -21.88 0.75
C ILE A 177 27.38 -23.26 1.17
N SER A 178 28.11 -23.94 0.30
CA SER A 178 28.67 -25.24 0.66
C SER A 178 30.19 -25.17 0.81
N ASN A 179 30.73 -23.96 0.90
CA ASN A 179 32.14 -23.76 1.20
C ASN A 179 32.36 -23.51 2.68
N ILE A 180 31.30 -23.64 3.47
CA ILE A 180 31.40 -23.49 4.91
C ILE A 180 32.28 -24.60 5.50
N ASN A 181 33.24 -24.21 6.34
CA ASN A 181 34.27 -25.12 6.85
C ASN A 181 33.65 -26.31 7.58
N GLY A 182 33.91 -27.52 7.08
CA GLY A 182 33.47 -28.74 7.74
C GLY A 182 32.00 -29.13 7.61
N ILE A 183 31.30 -28.61 6.62
CA ILE A 183 29.91 -29.01 6.42
C ILE A 183 29.79 -30.53 6.26
N ASP A 184 28.89 -31.14 7.03
CA ASP A 184 28.71 -32.59 6.97
C ASP A 184 27.25 -33.04 7.07
N LYS A 185 26.33 -32.07 7.09
CA LYS A 185 24.89 -32.40 7.10
C LYS A 185 24.10 -31.53 6.12
N ALA A 186 23.17 -32.16 5.40
CA ALA A 186 22.13 -31.43 4.65
C ALA A 186 20.80 -31.84 5.25
N THR A 187 20.00 -30.86 5.66
CA THR A 187 18.86 -31.09 6.52
C THR A 187 17.60 -30.36 6.06
N LEU A 188 16.45 -31.03 6.12
CA LEU A 188 15.18 -30.38 5.89
C LEU A 188 14.44 -30.21 7.21
N GLY A 189 13.93 -29.01 7.47
CA GLY A 189 13.11 -28.78 8.64
C GLY A 189 13.84 -28.57 9.95
N ALA A 190 15.15 -28.37 9.87
CA ALA A 190 15.94 -27.93 11.03
C ALA A 190 17.33 -27.58 10.55
N VAL A 191 18.16 -27.09 11.46
CA VAL A 191 19.59 -27.04 11.23
C VAL A 191 20.25 -27.89 12.31
N ASN A 192 21.11 -28.82 11.90
CA ASN A 192 21.83 -29.65 12.87
C ASN A 192 23.04 -28.89 13.38
N ARG A 193 22.99 -28.51 14.65
CA ARG A 193 24.14 -27.86 15.30
C ARG A 193 24.61 -28.71 16.47
N GLU A 194 25.89 -29.05 16.46
CA GLU A 194 26.50 -29.91 17.50
C GLU A 194 25.66 -31.15 17.80
N GLY A 195 25.05 -31.71 16.76
CA GLY A 195 24.29 -32.93 16.88
C GLY A 195 22.83 -32.80 17.26
N LYS A 196 22.37 -31.57 17.48
CA LYS A 196 20.99 -31.34 17.91
C LYS A 196 20.19 -30.54 16.90
N GLU A 197 18.88 -30.74 16.90
CA GLU A 197 17.97 -30.07 15.95
C GLU A 197 17.59 -28.67 16.43
N HIS A 198 18.04 -27.64 15.70
CA HIS A 198 17.66 -26.27 16.02
C HIS A 198 16.69 -25.77 14.99
N TYR A 199 15.84 -24.82 15.37
CA TYR A 199 14.90 -24.21 14.43
C TYR A 199 13.96 -25.24 13.80
N LEU A 200 13.48 -26.19 14.61
CA LEU A 200 12.57 -27.24 14.12
C LEU A 200 11.34 -26.65 13.45
N ALA A 201 10.98 -27.19 12.28
CA ALA A 201 9.87 -26.67 11.48
C ALA A 201 8.61 -27.52 11.55
N LYS A 202 7.47 -26.84 11.39
CA LYS A 202 6.21 -27.49 11.08
C LYS A 202 5.75 -26.97 9.72
N GLY A 203 5.57 -27.89 8.78
CA GLY A 203 5.09 -27.57 7.45
C GLY A 203 5.41 -28.73 6.54
N SER A 204 5.49 -28.48 5.24
CA SER A 204 5.86 -29.50 4.28
C SER A 204 6.65 -28.91 3.13
N ILE A 205 7.54 -29.71 2.56
CA ILE A 205 8.25 -29.31 1.35
C ILE A 205 7.83 -30.24 0.22
N ASP A 206 6.90 -29.76 -0.60
CA ASP A 206 6.35 -30.61 -1.65
C ASP A 206 7.40 -30.88 -2.73
N GLU A 207 8.33 -29.96 -2.89
CA GLU A 207 9.32 -30.06 -3.95
C GLU A 207 10.57 -29.24 -3.62
N ILE A 208 11.73 -29.83 -3.82
CA ILE A 208 12.99 -29.10 -3.64
C ILE A 208 14.01 -29.56 -4.67
N SER A 209 14.67 -28.59 -5.31
CA SER A 209 15.68 -28.87 -6.33
C SER A 209 16.87 -27.99 -6.04
N LEU A 210 18.07 -28.50 -6.25
CA LEU A 210 19.27 -27.67 -6.17
C LEU A 210 20.05 -27.75 -7.47
N PHE A 211 20.71 -26.64 -7.81
CA PHE A 211 21.46 -26.54 -9.05
C PHE A 211 22.86 -26.04 -8.70
N ASN A 212 23.86 -26.54 -9.41
CA ASN A 212 25.22 -26.01 -9.28
C ASN A 212 25.45 -24.88 -10.28
N LYS A 213 24.60 -23.87 -10.18
CA LYS A 213 24.64 -22.72 -11.06
C LYS A 213 23.83 -21.62 -10.42
N ALA A 214 24.23 -20.37 -10.67
CA ALA A 214 23.37 -19.23 -10.34
C ALA A 214 22.48 -18.97 -11.53
N ILE A 215 21.22 -19.40 -11.44
CA ILE A 215 20.33 -19.22 -12.58
C ILE A 215 19.99 -17.74 -12.77
N SER A 216 19.77 -17.33 -14.01
CA SER A 216 19.50 -15.92 -14.31
C SER A 216 18.10 -15.50 -13.87
N ASP A 217 17.91 -14.18 -13.72
CA ASP A 217 16.60 -13.60 -13.44
C ASP A 217 15.59 -14.02 -14.49
N GLN A 218 16.04 -14.18 -15.74
CA GLN A 218 15.20 -14.67 -16.82
C GLN A 218 14.72 -16.08 -16.54
N GLU A 219 15.65 -16.95 -16.19
CA GLU A 219 15.34 -18.35 -15.90
C GLU A 219 14.41 -18.48 -14.69
N VAL A 220 14.63 -17.64 -13.68
CA VAL A 220 13.75 -17.61 -12.52
C VAL A 220 12.32 -17.30 -12.93
N SER A 221 12.15 -16.37 -13.86
CA SER A 221 10.82 -15.96 -14.29
C SER A 221 10.04 -17.08 -14.97
N THR A 222 10.73 -18.12 -15.40
CA THR A 222 10.09 -19.25 -16.07
C THR A 222 9.65 -20.36 -15.11
N ILE A 223 10.00 -20.22 -13.83
CA ILE A 223 9.64 -21.24 -12.85
C ILE A 223 8.16 -21.12 -12.50
N PRO A 224 7.40 -22.20 -12.68
CA PRO A 224 5.94 -22.13 -12.49
C PRO A 224 5.57 -21.80 -11.04
N LEU A 225 4.51 -21.03 -10.86
CA LEU A 225 4.10 -20.58 -9.53
C LEU A 225 2.72 -21.09 -9.20
N SER A 226 2.38 -21.09 -7.91
CA SER A 226 1.06 -21.48 -7.47
C SER A 226 0.51 -20.39 -6.56
N ASN A 227 0.56 -19.14 -7.03
CA ASN A 227 0.17 -18.01 -6.19
C ASN A 227 -1.33 -17.91 -5.96
N PRO A 228 -1.73 -17.57 -4.73
CA PRO A 228 -3.16 -17.35 -4.47
C PRO A 228 -3.58 -15.94 -4.85
N PHE A 229 -2.61 -15.11 -5.25
CA PHE A 229 -2.85 -13.68 -5.45
C PHE A 229 -2.36 -13.19 -6.80
N GLN A 230 -2.73 -11.96 -7.13
CA GLN A 230 -2.27 -11.27 -8.34
C GLN A 230 -1.68 -9.93 -7.94
N LEU A 231 -0.87 -9.35 -8.81
CA LEU A 231 -0.46 -7.97 -8.62
C LEU A 231 -1.11 -7.09 -9.68
N ILE A 232 -1.64 -5.95 -9.24
CA ILE A 232 -2.21 -4.95 -10.14
C ILE A 232 -1.14 -3.90 -10.38
N PHE A 233 -0.64 -3.32 -9.28
CA PHE A 233 0.50 -2.40 -9.32
C PHE A 233 1.73 -3.15 -8.81
N GLN A 234 2.90 -2.88 -9.37
CA GLN A 234 4.11 -3.62 -8.99
C GLN A 234 5.38 -2.89 -9.39
N SER A 235 6.47 -3.21 -8.71
CA SER A 235 7.75 -2.58 -8.95
C SER A 235 8.17 -2.80 -10.38
N GLY A 236 8.53 -1.72 -11.08
CA GLY A 236 9.00 -1.83 -12.45
C GLY A 236 7.92 -1.56 -13.48
N ASP A 237 6.69 -1.37 -13.02
CA ASP A 237 5.62 -1.05 -13.96
C ASP A 237 5.71 0.40 -14.42
N SER A 238 4.66 0.85 -15.10
CA SER A 238 4.66 2.16 -15.74
C SER A 238 4.76 3.33 -14.76
N THR A 239 4.45 3.09 -13.49
CA THR A 239 4.54 4.18 -12.51
C THR A 239 5.98 4.46 -12.13
N GLN A 240 6.83 3.44 -12.28
CA GLN A 240 8.23 3.50 -11.82
C GLN A 240 8.38 3.81 -10.32
N ALA A 241 7.30 3.59 -9.57
CA ALA A 241 7.40 3.64 -8.11
C ALA A 241 7.76 2.26 -7.60
N ASN A 242 8.71 2.19 -6.66
CA ASN A 242 9.09 0.88 -6.12
C ASN A 242 8.15 0.40 -5.01
N TYR A 243 7.28 1.31 -4.53
CA TYR A 243 6.40 1.03 -3.38
C TYR A 243 4.98 1.50 -3.64
N PHE A 244 4.02 0.86 -2.99
CA PHE A 244 2.61 1.23 -3.13
C PHE A 244 1.90 1.12 -1.79
N ARG A 245 0.96 2.02 -1.57
CA ARG A 245 0.11 1.97 -0.37
C ARG A 245 -1.26 2.53 -0.69
N ILE A 246 -2.22 2.28 0.20
CA ILE A 246 -3.56 2.88 0.11
C ILE A 246 -4.34 2.46 -1.15
N PRO A 247 -4.65 1.15 -1.28
CA PRO A 247 -5.40 0.63 -2.44
C PRO A 247 -6.87 1.04 -2.40
N THR A 248 -7.46 1.21 -3.58
CA THR A 248 -8.90 1.40 -3.70
C THR A 248 -9.43 0.46 -4.79
N LEU A 249 -10.73 0.16 -4.74
CA LEU A 249 -11.40 -0.61 -5.79
C LEU A 249 -12.81 -0.08 -5.93
N TYR A 250 -13.31 -0.09 -7.15
CA TYR A 250 -14.66 0.39 -7.40
C TYR A 250 -15.20 -0.25 -8.68
N THR A 251 -16.39 -0.83 -8.62
CA THR A 251 -16.95 -1.48 -9.81
C THR A 251 -17.82 -0.50 -10.58
N LEU A 252 -17.49 -0.28 -11.85
CA LEU A 252 -18.22 0.68 -12.69
C LEU A 252 -19.43 0.03 -13.36
N SER A 253 -20.39 0.85 -13.79
CA SER A 253 -21.65 0.33 -14.33
C SER A 253 -21.45 -0.49 -15.60
N SER A 254 -20.37 -0.24 -16.34
CA SER A 254 -20.08 -1.02 -17.53
C SER A 254 -19.57 -2.41 -17.20
N GLY A 255 -19.15 -2.61 -15.94
CA GLY A 255 -18.58 -3.88 -15.51
C GLY A 255 -17.08 -3.78 -15.35
N ARG A 256 -16.51 -2.68 -15.83
CA ARG A 256 -15.09 -2.43 -15.64
C ARG A 256 -14.84 -2.23 -14.15
N VAL A 257 -13.77 -2.81 -13.62
CA VAL A 257 -13.41 -2.59 -12.23
C VAL A 257 -12.20 -1.66 -12.21
N LEU A 258 -12.28 -0.58 -11.44
CA LEU A 258 -11.23 0.43 -11.40
C LEU A 258 -10.51 0.38 -10.06
N SER A 259 -9.19 0.60 -10.09
CA SER A 259 -8.41 0.63 -8.85
C SER A 259 -7.56 1.88 -8.85
N SER A 260 -7.42 2.53 -7.70
CA SER A 260 -6.44 3.60 -7.57
C SER A 260 -5.52 3.27 -6.37
N ILE A 261 -4.42 4.00 -6.27
CA ILE A 261 -3.38 3.65 -5.29
C ILE A 261 -2.39 4.80 -5.15
N ASP A 262 -1.71 4.87 -4.01
CA ASP A 262 -0.57 5.75 -3.85
C ASP A 262 0.61 5.07 -4.51
N ALA A 263 1.16 5.66 -5.57
CA ALA A 263 2.44 5.21 -6.09
C ALA A 263 3.52 5.97 -5.32
N ARG A 264 4.18 5.28 -4.38
CA ARG A 264 5.08 5.92 -3.42
C ARG A 264 6.54 5.69 -3.80
N TYR A 265 7.25 6.80 -4.04
CA TYR A 265 8.59 6.71 -4.60
C TYR A 265 9.67 6.67 -3.52
N GLY A 266 9.52 7.50 -2.48
CA GLY A 266 10.54 7.59 -1.45
C GLY A 266 10.27 6.61 -0.32
N GLY A 267 10.32 5.33 -0.62
CA GLY A 267 9.97 4.33 0.36
C GLY A 267 8.48 4.38 0.60
N THR A 268 8.02 3.71 1.66
CA THR A 268 6.58 3.67 1.94
C THR A 268 6.08 4.80 2.85
N HIS A 269 6.95 5.79 3.13
CA HIS A 269 6.60 6.90 4.01
C HIS A 269 5.38 7.68 3.51
N ASP A 270 4.50 8.11 4.42
CA ASP A 270 3.45 9.08 4.08
C ASP A 270 4.16 10.37 3.70
N SER A 271 3.50 11.25 2.94
CA SER A 271 4.03 12.62 2.76
C SER A 271 4.57 13.24 4.08
N LYS A 272 5.66 14.01 4.06
CA LYS A 272 6.40 14.41 2.86
C LYS A 272 7.19 13.30 2.15
N SER A 273 7.07 13.28 0.84
CA SER A 273 7.74 12.27 0.03
C SER A 273 7.44 12.71 -1.39
N LYS A 274 7.73 11.86 -2.35
CA LYS A 274 7.08 11.98 -3.64
C LYS A 274 6.11 10.82 -3.77
N ILE A 275 4.85 11.15 -3.99
CA ILE A 275 3.81 10.15 -4.25
C ILE A 275 2.91 10.68 -5.35
N ASN A 276 2.61 9.83 -6.34
CA ASN A 276 1.60 10.11 -7.36
C ASN A 276 0.38 9.22 -7.11
N ILE A 277 -0.78 9.57 -7.69
CA ILE A 277 -1.91 8.64 -7.66
C ILE A 277 -2.00 7.93 -8.99
N ALA A 278 -1.99 6.60 -8.95
CA ALA A 278 -2.07 5.81 -10.18
C ALA A 278 -3.34 4.99 -10.24
N THR A 279 -3.78 4.61 -11.44
CA THR A 279 -4.98 3.81 -11.61
C THR A 279 -4.75 2.70 -12.63
N SER A 280 -5.54 1.64 -12.51
CA SER A 280 -5.51 0.50 -13.42
C SER A 280 -6.94 -0.06 -13.44
N TYR A 281 -7.33 -0.70 -14.52
CA TYR A 281 -8.66 -1.27 -14.53
C TYR A 281 -8.68 -2.68 -15.11
N SER A 282 -9.73 -3.42 -14.76
CA SER A 282 -9.93 -4.77 -15.28
C SER A 282 -11.27 -4.86 -16.00
N ASP A 283 -11.25 -5.45 -17.18
CA ASP A 283 -12.49 -5.61 -17.95
C ASP A 283 -12.98 -7.04 -17.89
N ASP A 284 -12.28 -7.90 -17.14
CA ASP A 284 -12.65 -9.32 -17.11
C ASP A 284 -12.82 -9.85 -15.68
N ASN A 285 -13.51 -9.07 -14.85
CA ASN A 285 -13.81 -9.48 -13.49
C ASN A 285 -12.57 -9.69 -12.63
N GLY A 286 -11.53 -8.91 -12.92
CA GLY A 286 -10.34 -8.90 -12.09
C GLY A 286 -9.26 -9.88 -12.52
N LYS A 287 -9.50 -10.64 -13.58
CA LYS A 287 -8.52 -11.62 -14.04
C LYS A 287 -7.23 -10.97 -14.57
N THR A 288 -7.38 -9.90 -15.32
CA THR A 288 -6.22 -9.15 -15.84
C THR A 288 -6.43 -7.65 -15.66
N TRP A 289 -5.33 -6.92 -15.56
CA TRP A 289 -5.37 -5.50 -15.23
C TRP A 289 -4.53 -4.70 -16.23
N SER A 290 -5.00 -3.51 -16.56
CA SER A 290 -4.31 -2.63 -17.51
C SER A 290 -3.01 -2.08 -16.94
N GLU A 291 -2.08 -1.72 -17.82
CA GLU A 291 -0.88 -1.02 -17.36
C GLU A 291 -1.28 0.31 -16.72
N PRO A 292 -0.73 0.60 -15.53
CA PRO A 292 -1.19 1.80 -14.82
C PRO A 292 -0.95 3.11 -15.58
N ILE A 293 -1.82 4.09 -15.32
CA ILE A 293 -1.59 5.46 -15.75
C ILE A 293 -1.69 6.33 -14.50
N PHE A 294 -1.35 7.61 -14.61
CA PHE A 294 -1.51 8.49 -13.46
C PHE A 294 -2.85 9.23 -13.49
N ALA A 295 -3.52 9.28 -12.34
CA ALA A 295 -4.69 10.15 -12.18
C ALA A 295 -4.24 11.51 -11.69
N MET A 296 -3.20 11.53 -10.86
CA MET A 296 -2.65 12.77 -10.35
C MET A 296 -1.14 12.65 -10.20
N LYS A 297 -0.41 13.63 -10.72
CA LYS A 297 1.03 13.51 -10.74
C LYS A 297 1.65 14.89 -10.68
N PHE A 298 2.82 14.98 -10.05
CA PHE A 298 3.62 16.19 -10.11
C PHE A 298 4.94 15.83 -10.78
N ASN A 299 5.64 16.81 -11.34
CA ASN A 299 6.89 16.51 -12.03
C ASN A 299 8.09 17.26 -11.51
N ASP A 300 7.97 17.86 -10.33
CA ASP A 300 9.10 18.57 -9.72
C ASP A 300 10.25 17.64 -9.39
N TYR A 301 9.92 16.38 -9.11
CA TYR A 301 10.93 15.35 -8.90
C TYR A 301 10.71 14.24 -9.92
N GLU A 302 11.80 13.59 -10.34
CA GLU A 302 11.75 12.49 -11.29
C GLU A 302 10.97 11.30 -10.73
N GLU A 303 10.25 10.57 -11.59
CA GLU A 303 9.67 9.28 -11.17
C GLU A 303 10.77 8.22 -11.17
N GLN A 304 11.31 7.93 -9.99
CA GLN A 304 12.45 7.03 -9.86
C GLN A 304 12.12 5.78 -9.08
N LEU A 305 12.55 4.65 -9.61
CA LEU A 305 12.45 3.39 -8.89
C LEU A 305 13.71 3.30 -8.03
N VAL A 306 13.56 3.48 -6.72
CA VAL A 306 14.69 3.52 -5.81
C VAL A 306 14.56 2.42 -4.77
N TYR A 307 15.65 1.72 -4.47
CA TYR A 307 15.62 0.79 -3.36
C TYR A 307 15.91 1.55 -2.07
N TRP A 308 14.84 1.83 -1.33
CA TRP A 308 14.98 2.62 -0.10
C TRP A 308 15.64 1.81 1.00
N PRO A 309 16.62 2.41 1.69
CA PRO A 309 17.36 1.67 2.73
C PRO A 309 16.47 1.22 3.88
N ARG A 310 16.73 0.01 4.37
CA ARG A 310 15.90 -0.59 5.42
C ARG A 310 16.66 -0.70 6.73
N ASP A 311 17.93 -0.29 6.74
CA ASP A 311 18.70 -0.28 7.98
C ASP A 311 18.20 0.80 8.94
N ASN A 312 18.48 0.62 10.23
CA ASN A 312 17.98 1.55 11.24
C ASN A 312 18.51 2.98 11.12
N LYS A 313 19.75 3.13 10.64
CA LYS A 313 20.33 4.46 10.52
C LYS A 313 19.67 5.32 9.44
N LEU A 314 19.26 4.68 8.34
CA LEU A 314 18.80 5.40 7.16
C LEU A 314 17.32 5.24 6.76
N LYS A 315 16.59 4.32 7.41
CA LYS A 315 15.26 4.00 6.89
C LYS A 315 14.27 5.15 7.02
N ASN A 316 14.55 6.08 7.91
CA ASN A 316 13.70 7.26 8.02
C ASN A 316 14.11 8.39 7.08
N SER A 317 15.05 8.12 6.17
CA SER A 317 15.35 9.08 5.11
C SER A 317 14.05 9.33 4.33
N GLN A 318 13.80 10.59 4.00
CA GLN A 318 12.53 10.98 3.42
C GLN A 318 12.79 12.04 2.36
N ILE A 319 12.20 11.85 1.16
CA ILE A 319 12.29 12.89 0.14
C ILE A 319 11.58 14.12 0.70
N SER A 320 12.32 15.22 0.83
CA SER A 320 11.89 16.33 1.66
C SER A 320 11.51 17.58 0.90
N GLY A 321 11.77 17.62 -0.40
CA GLY A 321 11.51 18.80 -1.20
C GLY A 321 10.49 18.64 -2.32
N SER A 322 9.75 17.54 -2.32
CA SER A 322 8.83 17.23 -3.43
C SER A 322 7.37 17.49 -3.05
N ALA A 323 6.58 17.93 -4.02
CA ALA A 323 5.13 17.98 -3.84
C ALA A 323 4.63 16.55 -3.94
N SER A 324 3.43 16.27 -3.45
CA SER A 324 2.93 14.90 -3.44
CA SER A 324 2.95 14.91 -3.32
C SER A 324 1.42 14.85 -3.29
N PHE A 325 0.86 13.72 -3.67
CA PHE A 325 -0.56 13.42 -3.44
C PHE A 325 -0.59 12.28 -2.43
N ILE A 326 -1.71 12.07 -1.76
CA ILE A 326 -1.81 10.95 -0.82
C ILE A 326 -3.27 10.68 -0.52
N ASP A 327 -3.62 9.39 -0.42
CA ASP A 327 -4.99 8.96 -0.04
C ASP A 327 -6.05 9.30 -1.09
N SER A 328 -6.28 8.39 -2.03
CA SER A 328 -7.27 8.64 -3.08
C SER A 328 -8.60 7.96 -2.79
N SER A 329 -9.66 8.39 -3.47
CA SER A 329 -10.98 7.83 -3.30
C SER A 329 -11.73 7.97 -4.60
N ILE A 330 -12.56 6.97 -4.95
CA ILE A 330 -13.23 6.93 -6.26
C ILE A 330 -14.75 6.83 -6.11
N VAL A 331 -15.48 7.48 -7.02
CA VAL A 331 -16.92 7.27 -7.14
C VAL A 331 -17.34 7.38 -8.60
N GLU A 332 -18.46 6.75 -8.97
CA GLU A 332 -18.99 6.91 -10.32
C GLU A 332 -20.32 7.63 -10.28
N ASP A 333 -20.48 8.60 -11.17
CA ASP A 333 -21.70 9.42 -11.25
C ASP A 333 -22.63 8.90 -12.35
N LYS A 334 -23.83 8.45 -11.96
CA LYS A 334 -24.77 7.88 -12.91
C LYS A 334 -25.24 8.88 -13.96
N LYS A 335 -25.54 10.11 -13.53
CA LYS A 335 -26.11 11.08 -14.46
C LYS A 335 -25.16 11.47 -15.60
N SER A 336 -23.92 11.85 -15.26
CA SER A 336 -22.97 12.25 -16.29
C SER A 336 -22.21 11.06 -16.86
N GLY A 337 -22.19 9.97 -16.11
CA GLY A 337 -21.39 8.81 -16.47
C GLY A 337 -19.91 8.94 -16.16
N LYS A 338 -19.51 10.08 -15.59
CA LYS A 338 -18.09 10.33 -15.26
C LYS A 338 -17.62 9.53 -14.06
N THR A 339 -16.31 9.25 -14.04
CA THR A 339 -15.67 8.72 -12.83
C THR A 339 -15.00 9.91 -12.15
N ILE A 340 -15.13 9.98 -10.83
CA ILE A 340 -14.55 11.10 -10.07
C ILE A 340 -13.56 10.54 -9.06
N LEU A 341 -12.37 11.13 -9.02
CA LEU A 341 -11.35 10.70 -8.08
C LEU A 341 -10.84 11.91 -7.33
N LEU A 342 -10.82 11.80 -6.00
CA LEU A 342 -10.27 12.83 -5.14
C LEU A 342 -9.02 12.27 -4.47
N ALA A 343 -8.13 13.16 -4.04
CA ALA A 343 -6.96 12.77 -3.25
C ALA A 343 -6.48 13.98 -2.48
N ASP A 344 -5.77 13.77 -1.37
CA ASP A 344 -5.14 14.92 -0.69
C ASP A 344 -3.99 15.42 -1.55
N VAL A 345 -3.68 16.71 -1.45
CA VAL A 345 -2.51 17.28 -2.15
C VAL A 345 -1.63 18.03 -1.18
N MET A 346 -0.33 17.81 -1.29
CA MET A 346 0.65 18.46 -0.41
C MET A 346 1.66 19.22 -1.26
N PRO A 347 1.91 20.50 -0.91
CA PRO A 347 2.98 21.23 -1.59
C PRO A 347 4.34 20.72 -1.12
N ALA A 348 5.40 21.14 -1.82
CA ALA A 348 6.76 20.65 -1.57
C ALA A 348 7.14 20.69 -0.11
N GLY A 349 7.69 19.58 0.37
CA GLY A 349 8.12 19.45 1.74
C GLY A 349 7.03 19.18 2.77
N ILE A 350 5.78 19.04 2.33
CA ILE A 350 4.65 19.04 3.27
C ILE A 350 3.96 17.69 3.46
N GLY A 351 3.62 17.41 4.72
CA GLY A 351 2.79 16.27 5.10
C GLY A 351 1.92 16.64 6.29
N ASN A 352 1.33 15.63 6.92
CA ASN A 352 0.49 15.78 8.11
C ASN A 352 1.25 16.48 9.22
N ASN A 353 2.48 16.01 9.47
CA ASN A 353 3.33 16.52 10.53
C ASN A 353 3.51 18.04 10.53
N ASN A 354 3.76 18.59 9.34
CA ASN A 354 4.14 20.00 9.24
C ASN A 354 3.14 20.90 8.50
N ALA A 355 1.97 20.37 8.16
CA ALA A 355 0.96 21.17 7.47
C ALA A 355 0.48 22.32 8.34
N ASN A 356 0.38 23.49 7.75
CA ASN A 356 -0.19 24.65 8.44
C ASN A 356 -1.65 24.36 8.79
N LYS A 357 -1.89 23.87 10.01
CA LYS A 357 -3.25 23.90 10.52
C LYS A 357 -3.50 25.37 10.83
N ALA A 358 -4.76 25.78 10.83
CA ALA A 358 -5.18 27.18 11.04
C ALA A 358 -5.02 28.08 9.81
N ASP A 359 -4.74 27.48 8.67
CA ASP A 359 -4.78 28.23 7.41
C ASP A 359 -5.30 27.33 6.30
N SER A 360 -6.44 27.70 5.72
CA SER A 360 -7.01 26.94 4.60
C SER A 360 -6.18 27.09 3.34
N GLY A 361 -5.40 28.16 3.26
CA GLY A 361 -4.66 28.46 2.04
C GLY A 361 -5.49 29.26 1.06
N PHE A 362 -6.71 29.59 1.47
CA PHE A 362 -7.57 30.46 0.67
C PHE A 362 -7.93 31.74 1.44
N LYS A 363 -8.20 32.82 0.71
CA LYS A 363 -8.69 34.06 1.31
C LYS A 363 -10.14 34.28 0.88
N GLU A 364 -11.01 34.68 1.79
CA GLU A 364 -12.38 35.04 1.41
C GLU A 364 -12.44 36.50 1.02
N ILE A 365 -12.98 36.77 -0.17
CA ILE A 365 -13.27 38.15 -0.58
C ILE A 365 -14.63 38.16 -1.29
N ASN A 366 -15.65 38.66 -0.58
CA ASN A 366 -17.06 38.79 -1.04
C ASN A 366 -17.99 37.60 -0.77
N GLY A 367 -17.43 36.48 -0.33
CA GLY A 367 -18.20 35.26 -0.22
C GLY A 367 -17.70 34.26 -1.23
N HIS A 368 -16.47 34.50 -1.69
CA HIS A 368 -15.80 33.59 -2.60
C HIS A 368 -14.40 33.27 -2.07
N TYR A 369 -13.88 32.10 -2.42
CA TYR A 369 -12.57 31.67 -1.95
C TYR A 369 -11.53 31.66 -3.07
N TYR A 370 -10.41 32.36 -2.84
CA TYR A 370 -9.30 32.37 -3.79
C TYR A 370 -8.01 31.85 -3.18
N LEU A 371 -7.30 31.04 -3.95
CA LEU A 371 -6.04 30.45 -3.53
C LEU A 371 -5.00 31.53 -3.30
N LYS A 372 -4.37 31.51 -2.14
CA LYS A 372 -3.36 32.50 -1.80
C LYS A 372 -1.99 32.07 -2.34
N LEU A 373 -1.16 33.05 -2.69
CA LEU A 373 0.19 32.77 -3.19
C LEU A 373 1.22 33.67 -2.50
N LYS A 374 2.43 33.16 -2.35
CA LYS A 374 3.56 33.98 -1.86
C LYS A 374 4.64 34.04 -2.93
N LYS A 375 5.11 35.24 -3.24
CA LYS A 375 6.14 35.40 -4.27
C LYS A 375 7.54 35.34 -3.67
N ASN A 376 8.48 34.82 -4.45
CA ASN A 376 9.92 34.80 -4.14
C ASN A 376 10.40 36.06 -3.44
N GLY A 377 10.74 35.96 -2.16
CA GLY A 377 11.31 37.08 -1.43
C GLY A 377 10.36 37.79 -0.49
N ASP A 378 9.07 37.53 -0.62
CA ASP A 378 8.09 38.12 0.29
C ASP A 378 8.05 37.32 1.58
N ASN A 379 7.76 37.98 2.69
CA ASN A 379 7.61 37.31 3.98
C ASN A 379 6.17 36.89 4.26
N ASP A 380 5.24 37.44 3.48
CA ASP A 380 3.83 37.08 3.61
C ASP A 380 3.23 36.69 2.27
N PHE A 381 1.98 36.24 2.30
CA PHE A 381 1.27 35.88 1.08
C PHE A 381 0.49 37.09 0.56
N ARG A 382 1.06 37.78 -0.43
CA ARG A 382 0.46 39.03 -0.90
C ARG A 382 -0.28 38.88 -2.22
N TYR A 383 -0.53 37.63 -2.64
CA TYR A 383 -1.21 37.39 -3.90
C TYR A 383 -2.36 36.41 -3.72
N THR A 384 -3.30 36.46 -4.66
CA THR A 384 -4.37 35.48 -4.76
C THR A 384 -4.53 35.10 -6.22
N VAL A 385 -5.06 33.91 -6.45
CA VAL A 385 -5.41 33.50 -7.80
C VAL A 385 -6.90 33.81 -7.93
N ARG A 386 -7.21 34.90 -8.62
CA ARG A 386 -8.60 35.29 -8.83
C ARG A 386 -9.15 34.63 -10.06
N GLU A 387 -10.29 35.13 -10.52
CA GLU A 387 -10.96 34.60 -11.69
C GLU A 387 -10.04 34.57 -12.93
N ASN A 388 -10.21 33.54 -13.75
CA ASN A 388 -9.35 33.26 -14.91
C ASN A 388 -7.86 33.16 -14.60
N GLY A 389 -7.54 32.45 -13.52
CA GLY A 389 -6.16 32.20 -13.14
C GLY A 389 -5.29 33.43 -12.94
N VAL A 390 -5.90 34.61 -12.94
CA VAL A 390 -5.18 35.87 -12.84
C VAL A 390 -4.54 36.08 -11.46
N VAL A 391 -3.22 36.12 -11.43
CA VAL A 391 -2.51 36.39 -10.17
C VAL A 391 -2.63 37.87 -9.83
N TYR A 392 -3.07 38.13 -8.60
CA TYR A 392 -3.56 39.43 -8.19
C TYR A 392 -2.87 39.84 -6.91
N ASN A 393 -2.34 41.05 -6.89
CA ASN A 393 -1.64 41.56 -5.70
C ASN A 393 -2.63 42.18 -4.71
N GLU A 394 -2.58 41.70 -3.47
CA GLU A 394 -3.53 42.13 -2.45
C GLU A 394 -3.15 43.43 -1.76
N THR A 395 -1.85 43.72 -1.72
CA THR A 395 -1.35 44.90 -1.03
C THR A 395 -1.70 46.18 -1.78
N THR A 396 -1.91 46.05 -3.08
CA THR A 396 -2.15 47.19 -3.95
C THR A 396 -3.38 46.93 -4.84
N ASN A 397 -4.14 45.90 -4.48
CA ASN A 397 -5.30 45.45 -5.27
C ASN A 397 -5.10 45.50 -6.78
N LYS A 398 -3.85 45.32 -7.19
CA LYS A 398 -3.46 45.38 -8.59
C LYS A 398 -3.26 43.98 -9.14
N PRO A 399 -3.81 43.71 -10.33
CA PRO A 399 -3.51 42.46 -11.01
C PRO A 399 -2.10 42.47 -11.59
N THR A 400 -1.55 41.29 -11.86
CA THR A 400 -0.17 41.16 -12.33
C THR A 400 -0.16 40.63 -13.75
N ASN A 401 1.04 40.46 -14.30
CA ASN A 401 1.18 39.86 -15.62
C ASN A 401 1.34 38.34 -15.52
N TYR A 402 1.23 37.82 -14.30
CA TYR A 402 1.28 36.37 -14.08
C TYR A 402 -0.11 35.77 -14.04
N THR A 403 -0.27 34.61 -14.65
CA THR A 403 -1.49 33.84 -14.50
C THR A 403 -1.15 32.40 -14.16
N ILE A 404 -2.13 31.69 -13.62
CA ILE A 404 -2.01 30.27 -13.31
C ILE A 404 -2.92 29.50 -14.26
N ASN A 405 -2.34 28.59 -15.03
CA ASN A 405 -3.16 27.81 -15.95
C ASN A 405 -3.92 26.71 -15.23
N ASP A 406 -4.56 25.84 -16.01
CA ASP A 406 -5.38 24.79 -15.43
C ASP A 406 -4.57 23.76 -14.66
N LYS A 407 -3.32 23.55 -15.09
CA LYS A 407 -2.43 22.58 -14.43
C LYS A 407 -1.70 23.16 -13.22
N TYR A 408 -2.16 24.30 -12.74
CA TYR A 408 -1.56 25.04 -11.63
C TYR A 408 -0.12 25.46 -11.95
N GLU A 409 0.14 25.69 -13.23
CA GLU A 409 1.45 26.14 -13.69
C GLU A 409 1.49 27.66 -13.87
N VAL A 410 2.66 28.24 -13.66
CA VAL A 410 2.82 29.69 -13.69
C VAL A 410 3.16 30.18 -15.10
N LEU A 411 2.37 31.12 -15.60
CA LEU A 411 2.64 31.75 -16.88
C LEU A 411 3.01 33.21 -16.64
N GLU A 412 3.96 33.74 -17.42
CA GLU A 412 4.18 35.19 -17.39
C GLU A 412 3.95 35.78 -18.77
N GLY A 413 2.96 36.66 -18.87
CA GLY A 413 2.57 37.24 -20.16
C GLY A 413 2.20 36.15 -21.14
N GLY A 414 1.61 35.07 -20.64
CA GLY A 414 1.20 33.95 -21.48
C GLY A 414 2.30 32.93 -21.74
N LYS A 415 3.50 33.24 -21.27
CA LYS A 415 4.66 32.38 -21.51
C LYS A 415 4.87 31.42 -20.32
N SER A 416 5.08 30.14 -20.61
CA SER A 416 5.25 29.11 -19.58
C SER A 416 6.60 29.23 -18.86
N LEU A 417 6.57 29.48 -17.56
CA LEU A 417 7.80 29.46 -16.77
C LEU A 417 8.15 28.01 -16.38
N THR A 418 9.44 27.75 -16.14
CA THR A 418 9.91 26.40 -15.84
C THR A 418 10.77 26.36 -14.58
N VAL A 419 10.94 25.16 -14.02
CA VAL A 419 11.93 24.93 -12.97
C VAL A 419 12.74 23.70 -13.36
N GLU A 420 13.92 23.55 -12.76
CA GLU A 420 14.74 22.38 -13.00
C GLU A 420 14.28 21.26 -12.08
N GLN A 421 14.14 20.06 -12.64
CA GLN A 421 13.68 18.90 -11.89
C GLN A 421 14.76 18.35 -10.94
N TYR A 422 14.33 17.69 -9.87
CA TYR A 422 15.23 17.00 -8.95
C TYR A 422 15.18 15.50 -9.15
N SER A 423 16.30 14.84 -8.83
CA SER A 423 16.38 13.39 -8.72
C SER A 423 16.99 13.08 -7.36
N VAL A 424 16.73 11.89 -6.84
CA VAL A 424 17.27 11.53 -5.55
C VAL A 424 18.22 10.35 -5.64
N ASP A 425 19.20 10.27 -4.74
CA ASP A 425 20.11 9.14 -4.72
C ASP A 425 20.74 8.98 -3.35
N PHE A 426 21.26 7.78 -3.10
CA PHE A 426 21.99 7.48 -1.88
C PHE A 426 23.47 7.18 -2.17
N ASP A 427 23.96 7.63 -3.32
CA ASP A 427 25.33 7.32 -3.75
C ASP A 427 26.39 7.75 -2.73
N SER A 428 26.06 8.76 -1.91
CA SER A 428 26.99 9.34 -0.94
C SER A 428 26.92 8.66 0.41
N GLY A 429 25.95 7.79 0.62
CA GLY A 429 25.77 7.17 1.93
C GLY A 429 24.65 7.80 2.72
N SER A 430 24.09 8.88 2.19
CA SER A 430 22.89 9.48 2.74
C SER A 430 22.04 10.03 1.59
N LEU A 431 20.80 10.38 1.88
CA LEU A 431 19.91 10.85 0.82
C LEU A 431 20.31 12.23 0.30
N ARG A 432 20.47 12.34 -1.01
CA ARG A 432 20.71 13.63 -1.66
C ARG A 432 19.59 13.92 -2.63
N GLU A 433 19.13 15.17 -2.65
CA GLU A 433 18.13 15.61 -3.61
C GLU A 433 18.76 16.71 -4.45
N ARG A 434 18.96 16.44 -5.73
CA ARG A 434 19.68 17.40 -6.55
C ARG A 434 19.17 17.58 -7.96
N HIS A 435 19.40 18.78 -8.49
CA HIS A 435 18.96 19.12 -9.84
C HIS A 435 19.53 18.19 -10.89
N ASN A 436 18.71 17.81 -11.86
CA ASN A 436 19.10 16.79 -12.82
C ASN A 436 19.26 17.27 -14.26
N GLY A 437 19.12 18.59 -14.47
CA GLY A 437 19.32 19.18 -15.78
C GLY A 437 18.07 19.33 -16.63
N LYS A 438 16.97 18.76 -16.15
CA LYS A 438 15.74 18.77 -16.93
C LYS A 438 14.78 19.87 -16.46
N GLN A 439 14.22 20.61 -17.42
CA GLN A 439 13.24 21.65 -17.10
C GLN A 439 11.81 21.12 -17.21
N VAL A 440 10.98 21.50 -16.26
CA VAL A 440 9.57 21.12 -16.26
C VAL A 440 8.75 22.35 -15.96
N PRO A 441 7.46 22.36 -16.34
CA PRO A 441 6.61 23.53 -16.06
C PRO A 441 6.60 23.95 -14.60
N MET A 442 6.74 25.24 -14.34
CA MET A 442 6.71 25.78 -12.98
C MET A 442 5.32 25.69 -12.37
N ASN A 443 5.18 24.90 -11.29
CA ASN A 443 3.89 24.65 -10.65
C ASN A 443 3.86 25.26 -9.27
N VAL A 444 2.75 25.89 -8.88
CA VAL A 444 2.70 26.60 -7.61
C VAL A 444 2.84 25.68 -6.39
N PHE A 445 2.80 24.37 -6.61
CA PHE A 445 3.00 23.43 -5.52
C PHE A 445 4.47 23.05 -5.34
N TYR A 446 5.36 23.64 -6.15
CA TYR A 446 6.77 23.24 -6.15
C TYR A 446 7.67 24.09 -5.25
N LYS A 447 8.79 23.50 -4.84
CA LYS A 447 9.76 24.21 -4.01
C LYS A 447 10.44 25.36 -4.77
N ASP A 448 10.68 25.16 -6.05
CA ASP A 448 11.45 26.13 -6.83
C ASP A 448 10.57 27.15 -7.55
N SER A 449 9.27 27.12 -7.28
CA SER A 449 8.35 28.01 -7.99
C SER A 449 8.45 29.46 -7.52
N LEU A 450 8.30 30.39 -8.46
CA LEU A 450 8.28 31.84 -8.17
C LEU A 450 7.10 32.19 -7.26
N PHE A 451 5.97 31.53 -7.47
CA PHE A 451 4.78 31.70 -6.63
C PHE A 451 4.44 30.38 -5.95
N LYS A 452 4.23 30.43 -4.64
CA LYS A 452 3.98 29.22 -3.85
C LYS A 452 2.66 29.26 -3.09
N VAL A 453 2.00 28.11 -2.99
CA VAL A 453 0.81 28.01 -2.14
C VAL A 453 1.18 27.88 -0.67
N THR A 454 0.19 28.09 0.18
CA THR A 454 0.32 27.91 1.63
C THR A 454 0.72 26.47 1.93
N PRO A 455 1.73 26.28 2.81
CA PRO A 455 2.17 24.92 3.14
C PRO A 455 1.16 24.21 4.04
N THR A 456 0.10 23.69 3.42
CA THR A 456 -0.93 22.97 4.15
C THR A 456 -1.49 21.88 3.22
N ASN A 457 -2.42 21.09 3.72
CA ASN A 457 -3.03 20.02 2.92
C ASN A 457 -4.28 20.49 2.22
N TYR A 458 -4.43 20.10 0.95
CA TYR A 458 -5.62 20.43 0.16
C TYR A 458 -6.29 19.16 -0.31
N ILE A 459 -7.47 19.30 -0.90
CA ILE A 459 -8.13 18.17 -1.54
C ILE A 459 -8.30 18.51 -3.02
N ALA A 460 -7.84 17.63 -3.90
CA ALA A 460 -7.98 17.83 -5.34
C ALA A 460 -9.00 16.86 -5.90
N MET A 461 -9.63 17.26 -7.00
CA MET A 461 -10.58 16.41 -7.71
C MET A 461 -10.18 16.29 -9.16
N THR A 462 -10.23 15.08 -9.71
CA THR A 462 -10.11 14.91 -11.15
C THR A 462 -11.27 14.03 -11.63
N THR A 463 -11.49 13.99 -12.94
CA THR A 463 -12.55 13.14 -13.47
C THR A 463 -12.07 12.40 -14.72
N SER A 464 -12.76 11.32 -15.04
CA SER A 464 -12.49 10.62 -16.30
C SER A 464 -13.80 10.45 -17.06
N GLN A 465 -13.78 10.71 -18.36
CA GLN A 465 -14.94 10.50 -19.21
C GLN A 465 -14.85 9.20 -20.01
N ASN A 466 -13.80 8.41 -19.74
CA ASN A 466 -13.61 7.14 -20.44
C ASN A 466 -13.28 6.00 -19.49
N ARG A 467 -13.86 6.07 -18.29
CA ARG A 467 -13.75 5.01 -17.28
C ARG A 467 -12.30 4.65 -16.99
N GLY A 468 -11.47 5.66 -16.81
CA GLY A 468 -10.10 5.44 -16.34
C GLY A 468 -9.05 5.25 -17.40
N GLU A 469 -9.39 5.48 -18.68
CA GLU A 469 -8.39 5.41 -19.74
C GLU A 469 -7.53 6.68 -19.76
N SER A 470 -8.12 7.77 -19.28
CA SER A 470 -7.36 9.00 -19.08
C SER A 470 -8.03 9.84 -18.00
N TRP A 471 -7.27 10.74 -17.38
CA TRP A 471 -7.82 11.63 -16.37
C TRP A 471 -7.60 13.10 -16.70
N GLU A 472 -8.53 13.95 -16.27
CA GLU A 472 -8.39 15.38 -16.47
C GLU A 472 -7.36 15.96 -15.52
N GLN A 473 -6.95 17.19 -15.78
CA GLN A 473 -6.14 17.93 -14.80
C GLN A 473 -6.98 18.19 -13.56
N PHE A 474 -6.39 18.04 -12.38
CA PHE A 474 -7.16 18.18 -11.14
C PHE A 474 -7.51 19.62 -10.81
N LYS A 475 -8.58 19.81 -10.04
CA LYS A 475 -8.92 21.11 -9.49
C LYS A 475 -8.95 20.98 -7.98
N LEU A 476 -8.50 22.02 -7.29
CA LEU A 476 -8.64 22.04 -5.84
C LEU A 476 -10.09 22.27 -5.42
N LEU A 477 -10.53 21.54 -4.41
CA LEU A 477 -11.81 21.82 -3.77
C LEU A 477 -11.66 23.04 -2.87
N PRO A 478 -12.74 23.80 -2.70
CA PRO A 478 -12.73 24.96 -1.80
C PRO A 478 -12.70 24.54 -0.34
N PRO A 479 -12.41 25.49 0.57
CA PRO A 479 -12.46 25.15 2.01
C PRO A 479 -13.90 24.97 2.42
N PHE A 480 -14.14 24.14 3.43
CA PHE A 480 -15.51 23.84 3.86
C PHE A 480 -15.74 24.27 5.29
N LEU A 481 -14.66 24.44 6.03
CA LEU A 481 -14.74 24.77 7.44
C LEU A 481 -14.18 26.16 7.73
N GLY A 482 -14.08 27.00 6.70
CA GLY A 482 -13.69 28.38 6.88
C GLY A 482 -12.27 28.73 6.50
N GLU A 483 -12.01 30.03 6.40
CA GLU A 483 -10.71 30.58 6.03
C GLU A 483 -9.56 30.08 6.90
N LYS A 484 -9.78 30.04 8.21
CA LYS A 484 -8.70 29.80 9.16
C LYS A 484 -8.61 28.35 9.62
N HIS A 485 -9.11 27.45 8.79
CA HIS A 485 -9.09 26.03 9.10
C HIS A 485 -8.34 25.31 8.00
N ASN A 486 -7.35 24.48 8.34
CA ASN A 486 -6.72 23.68 7.29
C ASN A 486 -7.74 22.70 6.75
N GLY A 487 -7.52 22.18 5.55
CA GLY A 487 -8.48 21.30 4.92
C GLY A 487 -8.69 20.03 5.72
N THR A 488 -9.80 19.35 5.46
CA THR A 488 -10.02 18.03 6.05
C THR A 488 -9.20 17.00 5.27
N TYR A 489 -9.14 15.78 5.80
CA TYR A 489 -8.38 14.71 5.18
C TYR A 489 -9.30 13.70 4.51
N LEU A 490 -9.02 13.39 3.25
CA LEU A 490 -9.88 12.46 2.52
C LEU A 490 -9.81 11.07 3.10
N CYS A 491 -10.95 10.40 3.17
CA CYS A 491 -10.99 9.01 3.60
C CYS A 491 -10.70 8.16 2.38
N PRO A 492 -9.64 7.37 2.41
CA PRO A 492 -9.30 6.63 1.20
C PRO A 492 -10.24 5.47 0.93
N GLY A 493 -10.45 5.17 -0.36
CA GLY A 493 -11.29 4.06 -0.75
C GLY A 493 -12.33 4.45 -1.77
N GLN A 494 -13.60 4.33 -1.38
CA GLN A 494 -14.69 4.69 -2.26
C GLN A 494 -15.46 5.89 -1.73
N GLY A 495 -16.02 6.67 -2.65
CA GLY A 495 -17.07 7.59 -2.27
C GLY A 495 -18.37 6.81 -2.43
N LEU A 496 -19.50 7.44 -2.14
CA LEU A 496 -20.78 6.75 -2.23
C LEU A 496 -21.70 7.41 -3.23
N ALA A 497 -22.18 6.65 -4.20
CA ALA A 497 -23.18 7.12 -5.14
C ALA A 497 -24.51 6.53 -4.72
N LEU A 498 -25.39 7.35 -4.15
CA LEU A 498 -26.67 6.83 -3.70
C LEU A 498 -27.43 6.22 -4.89
N LYS A 499 -28.04 5.07 -4.67
CA LYS A 499 -28.65 4.31 -5.78
C LYS A 499 -29.91 4.96 -6.34
N SER A 500 -30.65 5.66 -5.48
CA SER A 500 -31.97 6.19 -5.82
C SER A 500 -31.95 7.65 -6.26
N SER A 501 -30.78 8.26 -6.30
CA SER A 501 -30.68 9.68 -6.66
C SER A 501 -29.40 10.01 -7.39
N ASN A 502 -29.12 11.30 -7.53
CA ASN A 502 -27.87 11.75 -8.14
C ASN A 502 -26.82 12.11 -7.09
N ARG A 503 -27.13 11.85 -5.83
CA ARG A 503 -26.23 12.31 -4.76
C ARG A 503 -24.92 11.53 -4.70
N LEU A 504 -23.83 12.29 -4.60
CA LEU A 504 -22.48 11.75 -4.43
C LEU A 504 -21.92 12.22 -3.09
N ILE A 505 -21.33 11.29 -2.33
CA ILE A 505 -20.75 11.66 -1.04
C ILE A 505 -19.33 11.11 -0.92
N PHE A 506 -18.40 11.98 -0.50
CA PHE A 506 -17.07 11.54 -0.10
C PHE A 506 -16.88 11.88 1.37
N ALA A 507 -16.54 10.89 2.19
CA ALA A 507 -16.24 11.17 3.59
C ALA A 507 -14.84 11.76 3.72
N THR A 508 -14.67 12.69 4.65
CA THR A 508 -13.36 13.19 5.01
C THR A 508 -13.34 13.29 6.53
N TYR A 509 -12.18 13.48 7.13
CA TYR A 509 -12.13 13.63 8.58
C TYR A 509 -11.27 14.81 9.01
N THR A 510 -11.55 15.32 10.20
CA THR A 510 -10.70 16.33 10.80
C THR A 510 -10.84 16.18 12.30
N SER A 511 -10.26 17.10 13.07
CA SER A 511 -10.36 16.97 14.51
C SER A 511 -11.80 17.13 14.96
N GLY A 512 -12.32 16.13 15.67
CA GLY A 512 -13.64 16.24 16.27
C GLY A 512 -14.83 15.88 15.41
N GLU A 513 -14.62 15.59 14.12
CA GLU A 513 -15.77 15.22 13.29
C GLU A 513 -15.42 14.49 12.01
N LEU A 514 -16.44 13.85 11.44
CA LEU A 514 -16.36 13.45 10.04
C LEU A 514 -17.00 14.61 9.28
N THR A 515 -16.39 14.95 8.14
CA THR A 515 -16.93 16.01 7.29
C THR A 515 -17.27 15.41 5.93
N TYR A 516 -18.55 15.09 5.75
CA TYR A 516 -19.00 14.52 4.49
C TYR A 516 -19.13 15.61 3.42
N LEU A 517 -18.61 15.31 2.24
CA LEU A 517 -18.70 16.24 1.10
C LEU A 517 -19.78 15.71 0.18
N ILE A 518 -20.79 16.54 -0.09
CA ILE A 518 -21.98 16.10 -0.82
C ILE A 518 -22.18 16.90 -2.11
N SER A 519 -22.42 16.17 -3.22
CA SER A 519 -22.71 16.83 -4.50
C SER A 519 -23.94 16.22 -5.13
N ASP A 520 -24.83 17.07 -5.65
CA ASP A 520 -25.99 16.60 -6.39
C ASP A 520 -25.91 16.98 -7.87
N ASP A 521 -24.77 17.56 -8.27
CA ASP A 521 -24.61 18.00 -9.66
C ASP A 521 -23.33 17.47 -10.29
N SER A 522 -23.12 16.16 -10.15
CA SER A 522 -22.03 15.48 -10.84
C SER A 522 -20.67 16.00 -10.38
N GLY A 523 -20.61 16.50 -9.15
CA GLY A 523 -19.35 16.96 -8.58
C GLY A 523 -18.92 18.35 -9.01
N GLN A 524 -19.82 19.11 -9.62
CA GLN A 524 -19.48 20.48 -9.98
C GLN A 524 -19.43 21.37 -8.73
N THR A 525 -20.38 21.17 -7.83
CA THR A 525 -20.36 21.90 -6.56
C THR A 525 -20.55 20.95 -5.38
N TRP A 526 -19.94 21.31 -4.25
CA TRP A 526 -19.95 20.46 -3.06
C TRP A 526 -20.40 21.27 -1.86
N LYS A 527 -21.09 20.61 -0.93
CA LYS A 527 -21.40 21.19 0.37
C LYS A 527 -20.94 20.22 1.45
N LYS A 528 -20.80 20.70 2.67
CA LYS A 528 -20.41 19.78 3.73
C LYS A 528 -21.59 19.38 4.61
N SER A 529 -21.48 18.21 5.20
CA SER A 529 -22.36 17.79 6.28
C SER A 529 -21.45 17.29 7.38
N SER A 530 -21.45 17.99 8.51
CA SER A 530 -20.55 17.66 9.62
C SER A 530 -21.20 16.71 10.60
N ALA A 531 -20.43 15.73 11.06
CA ALA A 531 -20.88 14.74 12.03
C ALA A 531 -19.89 14.60 13.17
N SER A 532 -20.24 15.18 14.31
CA SER A 532 -19.40 15.13 15.49
C SER A 532 -19.01 13.69 15.89
N ILE A 533 -17.73 13.50 16.23
CA ILE A 533 -17.29 12.24 16.81
C ILE A 533 -16.55 12.55 18.10
N PRO A 534 -16.65 11.66 19.10
CA PRO A 534 -16.05 11.93 20.41
C PRO A 534 -14.56 11.63 20.42
N PHE A 535 -13.85 12.14 19.43
CA PHE A 535 -12.43 11.93 19.31
C PHE A 535 -11.77 13.23 18.91
N LYS A 536 -10.67 13.57 19.58
CA LYS A 536 -9.84 14.66 19.12
C LYS A 536 -8.66 14.07 18.37
N ASN A 537 -8.34 14.67 17.23
CA ASN A 537 -7.18 14.27 16.44
C ASN A 537 -7.11 12.78 16.10
N ALA A 538 -8.24 12.18 15.76
CA ALA A 538 -8.25 10.79 15.31
C ALA A 538 -8.03 10.75 13.80
N THR A 539 -7.33 9.73 13.34
CA THR A 539 -7.30 9.41 11.92
C THR A 539 -8.58 8.62 11.66
N ALA A 540 -9.69 9.33 11.54
CA ALA A 540 -11.00 8.66 11.48
C ALA A 540 -11.37 8.34 10.06
N GLU A 541 -10.59 7.44 9.45
CA GLU A 541 -10.86 7.00 8.09
C GLU A 541 -12.18 6.24 8.07
N ALA A 542 -13.07 6.69 7.19
CA ALA A 542 -14.47 6.27 7.19
C ALA A 542 -14.89 5.80 5.81
N GLN A 543 -15.68 4.72 5.76
CA GLN A 543 -16.21 4.23 4.50
C GLN A 543 -17.69 3.93 4.70
N MET A 544 -18.48 4.12 3.65
CA MET A 544 -19.93 4.10 3.75
C MET A 544 -20.57 2.95 2.98
N VAL A 545 -21.73 2.48 3.49
CA VAL A 545 -22.59 1.57 2.74
C VAL A 545 -24.04 2.08 2.77
N GLU A 546 -24.79 1.87 1.69
CA GLU A 546 -26.21 2.21 1.72
C GLU A 546 -26.97 0.94 2.10
N LEU A 547 -27.53 0.92 3.31
CA LEU A 547 -28.26 -0.27 3.79
C LEU A 547 -29.55 -0.45 3.01
N ARG A 548 -30.20 0.65 2.72
CA ARG A 548 -31.38 0.68 1.87
C ARG A 548 -31.51 2.13 1.43
N ASP A 549 -32.47 2.41 0.55
CA ASP A 549 -32.57 3.75 -0.04
C ASP A 549 -32.58 4.89 0.99
N GLY A 550 -31.57 5.76 0.90
CA GLY A 550 -31.47 6.88 1.82
C GLY A 550 -30.82 6.62 3.17
N VAL A 551 -30.58 5.36 3.52
CA VAL A 551 -30.02 5.00 4.82
C VAL A 551 -28.55 4.64 4.64
N ILE A 552 -27.67 5.46 5.21
CA ILE A 552 -26.23 5.25 5.07
C ILE A 552 -25.63 4.85 6.41
N ARG A 553 -24.89 3.75 6.45
CA ARG A 553 -24.08 3.47 7.62
C ARG A 553 -22.62 3.68 7.26
N THR A 554 -21.92 4.40 8.12
CA THR A 554 -20.51 4.67 7.91
C THR A 554 -19.72 3.93 8.97
N PHE A 555 -18.71 3.18 8.55
CA PHE A 555 -17.81 2.49 9.49
C PHE A 555 -16.48 3.23 9.53
N PHE A 556 -15.94 3.46 10.73
CA PHE A 556 -14.71 4.24 10.79
C PHE A 556 -13.71 3.84 11.87
N ARG A 557 -12.46 4.13 11.54
CA ARG A 557 -11.32 3.89 12.42
C ARG A 557 -11.33 4.85 13.61
N THR A 558 -10.97 4.34 14.79
CA THR A 558 -10.95 5.16 15.99
C THR A 558 -9.64 4.99 16.74
N THR A 559 -9.58 5.52 17.95
CA THR A 559 -8.43 5.29 18.83
C THR A 559 -8.79 4.40 20.01
N THR A 560 -9.91 3.68 19.93
CA THR A 560 -10.43 2.93 21.07
C THR A 560 -10.20 1.43 20.99
N GLY A 561 -9.72 0.96 19.86
CA GLY A 561 -9.53 -0.47 19.67
C GLY A 561 -10.74 -1.12 19.03
N LYS A 562 -11.81 -0.35 18.87
CA LYS A 562 -13.00 -0.83 18.19
C LYS A 562 -13.31 0.03 16.97
N ILE A 563 -13.82 -0.61 15.93
CA ILE A 563 -14.36 0.12 14.78
C ILE A 563 -15.67 0.76 15.22
N ALA A 564 -15.89 2.01 14.78
CA ALA A 564 -17.09 2.74 15.13
C ALA A 564 -18.04 2.81 13.94
N TYR A 565 -19.29 3.19 14.20
CA TYR A 565 -20.19 3.49 13.10
C TYR A 565 -21.21 4.56 13.46
N MET A 566 -21.79 5.19 12.45
CA MET A 566 -22.89 6.14 12.62
C MET A 566 -23.83 5.95 11.43
N THR A 567 -25.04 6.47 11.55
CA THR A 567 -26.06 6.25 10.53
C THR A 567 -26.76 7.53 10.13
N SER A 568 -26.99 7.70 8.83
CA SER A 568 -27.85 8.75 8.32
C SER A 568 -29.09 8.11 7.70
N ARG A 569 -30.25 8.71 7.92
CA ARG A 569 -31.49 8.20 7.31
C ARG A 569 -32.08 9.23 6.36
N ASP A 570 -31.29 10.22 5.99
CA ASP A 570 -31.75 11.25 5.07
C ASP A 570 -30.68 11.57 4.04
N SER A 571 -30.11 10.51 3.48
CA SER A 571 -29.08 10.63 2.43
C SER A 571 -27.91 11.55 2.81
N GLY A 572 -27.50 11.53 4.08
CA GLY A 572 -26.30 12.25 4.48
C GLY A 572 -26.50 13.65 5.02
N GLU A 573 -27.74 14.14 5.07
CA GLU A 573 -28.02 15.47 5.64
C GLU A 573 -27.72 15.53 7.12
N THR A 574 -28.16 14.52 7.87
CA THR A 574 -27.90 14.48 9.31
C THR A 574 -27.37 13.12 9.72
N TRP A 575 -26.67 13.06 10.86
CA TRP A 575 -25.99 11.85 11.29
C TRP A 575 -26.26 11.46 12.74
N SER A 576 -26.32 10.16 13.01
CA SER A 576 -26.56 9.66 14.36
C SER A 576 -25.35 9.88 15.26
N LYS A 577 -25.53 9.50 16.54
CA LYS A 577 -24.39 9.40 17.45
C LYS A 577 -23.55 8.19 17.06
N VAL A 578 -22.40 8.05 17.70
CA VAL A 578 -21.45 7.00 17.37
C VAL A 578 -21.65 5.71 18.19
N SER A 579 -21.67 4.57 17.51
CA SER A 579 -21.69 3.27 18.18
C SER A 579 -20.43 2.49 17.82
N TYR A 580 -20.20 1.38 18.51
CA TYR A 580 -19.00 0.58 18.26
C TYR A 580 -19.34 -0.87 17.98
N ILE A 581 -18.55 -1.49 17.11
CA ILE A 581 -18.72 -2.90 16.79
C ILE A 581 -17.99 -3.77 17.80
N ASP A 582 -18.73 -4.73 18.37
CA ASP A 582 -18.13 -5.78 19.19
C ASP A 582 -17.81 -6.97 18.30
N GLY A 583 -16.76 -7.71 18.63
CA GLY A 583 -16.44 -8.89 17.85
C GLY A 583 -15.31 -8.69 16.85
N ILE A 584 -14.88 -7.44 16.69
CA ILE A 584 -13.67 -7.16 15.93
C ILE A 584 -12.75 -6.28 16.76
N GLN A 585 -11.47 -6.64 16.78
CA GLN A 585 -10.49 -5.84 17.51
C GLN A 585 -9.56 -5.10 16.56
N GLN A 586 -9.24 -3.87 16.89
CA GLN A 586 -8.16 -3.17 16.20
C GLN A 586 -7.18 -2.72 17.26
N THR A 587 -6.04 -2.20 16.82
CA THR A 587 -5.04 -1.69 17.74
C THR A 587 -5.46 -0.32 18.22
N SER A 588 -4.77 0.19 19.23
CA SER A 588 -5.05 1.51 19.78
C SER A 588 -5.00 2.59 18.69
N TYR A 589 -4.13 2.43 17.70
CA TYR A 589 -3.98 3.45 16.66
C TYR A 589 -4.93 3.27 15.48
N GLY A 590 -5.40 2.04 15.30
CA GLY A 590 -6.45 1.75 14.32
C GLY A 590 -5.93 1.50 12.92
N THR A 591 -6.81 0.99 12.06
CA THR A 591 -6.47 0.77 10.67
C THR A 591 -7.70 1.11 9.83
N GLN A 592 -7.47 1.63 8.62
CA GLN A 592 -8.57 1.84 7.67
C GLN A 592 -9.40 0.58 7.52
N VAL A 593 -10.72 0.74 7.39
CA VAL A 593 -11.62 -0.39 7.15
C VAL A 593 -12.38 -0.11 5.85
N SER A 594 -12.58 -1.15 5.03
CA SER A 594 -13.37 -0.98 3.82
C SER A 594 -14.65 -1.79 3.97
N ALA A 595 -15.68 -1.43 3.22
CA ALA A 595 -17.00 -2.00 3.43
C ALA A 595 -17.84 -1.89 2.18
N ILE A 596 -18.63 -2.92 1.90
CA ILE A 596 -19.60 -2.81 0.82
C ILE A 596 -20.95 -3.37 1.25
N LYS A 597 -21.98 -2.93 0.55
CA LYS A 597 -23.29 -3.56 0.64
C LYS A 597 -23.40 -4.60 -0.46
N TYR A 598 -23.51 -5.88 -0.09
CA TYR A 598 -23.54 -6.95 -1.09
C TYR A 598 -24.90 -6.96 -1.79
N SER A 599 -24.93 -7.27 -3.09
CA SER A 599 -26.16 -7.18 -3.85
C SER A 599 -27.13 -8.33 -3.56
N GLN A 600 -26.60 -9.46 -3.11
CA GLN A 600 -27.42 -10.66 -2.93
C GLN A 600 -27.72 -10.93 -1.46
N LEU A 601 -28.86 -11.57 -1.21
CA LEU A 601 -29.21 -11.95 0.15
C LEU A 601 -28.31 -13.09 0.60
N ILE A 602 -28.01 -13.11 1.90
CA ILE A 602 -27.26 -14.20 2.49
C ILE A 602 -28.10 -14.70 3.68
N ASP A 603 -28.36 -16.00 3.72
CA ASP A 603 -29.24 -16.57 4.73
C ASP A 603 -30.57 -15.80 4.78
N GLY A 604 -31.01 -15.32 3.62
CA GLY A 604 -32.28 -14.62 3.49
C GLY A 604 -32.28 -13.18 3.96
N LYS A 605 -31.09 -12.62 4.21
CA LYS A 605 -30.97 -11.29 4.78
C LYS A 605 -30.07 -10.37 3.95
N GLU A 606 -30.31 -9.06 4.04
CA GLU A 606 -29.43 -8.06 3.43
C GLU A 606 -28.07 -8.18 4.12
N ALA A 607 -26.99 -8.11 3.34
CA ALA A 607 -25.65 -8.34 3.87
C ALA A 607 -24.69 -7.17 3.62
N VAL A 608 -23.82 -6.91 4.59
CA VAL A 608 -22.73 -5.94 4.46
C VAL A 608 -21.45 -6.74 4.71
N ILE A 609 -20.38 -6.41 4.00
CA ILE A 609 -19.10 -7.09 4.19
C ILE A 609 -18.04 -6.05 4.55
N LEU A 610 -17.37 -6.28 5.68
CA LEU A 610 -16.31 -5.39 6.16
C LEU A 610 -14.95 -6.06 5.98
N SER A 611 -13.96 -5.26 5.63
CA SER A 611 -12.58 -5.74 5.50
C SER A 611 -11.67 -4.96 6.44
N THR A 612 -10.92 -5.67 7.28
CA THR A 612 -10.11 -5.04 8.31
C THR A 612 -9.16 -6.07 8.92
N PRO A 613 -8.02 -5.62 9.48
CA PRO A 613 -7.29 -6.53 10.37
C PRO A 613 -8.17 -6.81 11.59
N ASN A 614 -8.02 -7.98 12.18
CA ASN A 614 -8.71 -8.27 13.43
C ASN A 614 -7.67 -8.67 14.45
N SER A 615 -7.18 -7.69 15.19
CA SER A 615 -6.06 -7.87 16.10
C SER A 615 -5.90 -6.66 16.99
N ARG A 616 -5.64 -6.88 18.27
CA ARG A 616 -5.39 -5.76 19.15
C ARG A 616 -3.89 -5.44 19.25
N SER A 617 -3.07 -6.26 18.58
CA SER A 617 -1.61 -6.15 18.67
C SER A 617 -0.91 -5.43 17.50
N GLY A 618 -1.35 -5.71 16.28
CA GLY A 618 -0.67 -5.15 15.11
C GLY A 618 -1.57 -5.20 13.90
N ARG A 619 -1.05 -4.82 12.73
CA ARG A 619 -1.87 -4.92 11.52
C ARG A 619 -1.66 -6.29 10.89
N LYS A 620 -2.44 -7.26 11.37
CA LYS A 620 -2.31 -8.65 10.96
C LYS A 620 -3.67 -9.30 11.23
N GLY A 621 -3.84 -10.54 10.82
CA GLY A 621 -5.09 -11.23 11.08
C GLY A 621 -6.22 -10.70 10.23
N GLY A 622 -5.94 -10.48 8.94
CA GLY A 622 -6.93 -9.91 8.05
C GLY A 622 -8.19 -10.74 7.96
N GLN A 623 -9.34 -10.06 7.96
CA GLN A 623 -10.62 -10.73 7.84
C GLN A 623 -11.60 -10.00 6.95
N LEU A 624 -12.45 -10.77 6.28
CA LEU A 624 -13.69 -10.24 5.75
C LEU A 624 -14.76 -10.69 6.73
N VAL A 625 -15.58 -9.75 7.20
CA VAL A 625 -16.62 -10.08 8.18
C VAL A 625 -17.97 -9.82 7.54
N VAL A 626 -18.82 -10.83 7.49
CA VAL A 626 -20.10 -10.70 6.80
C VAL A 626 -21.16 -10.38 7.84
N GLY A 627 -21.85 -9.26 7.65
CA GLY A 627 -22.87 -8.86 8.59
C GLY A 627 -24.25 -8.95 7.96
N LEU A 628 -25.21 -9.48 8.71
CA LEU A 628 -26.58 -9.55 8.23
C LEU A 628 -27.44 -8.49 8.92
N VAL A 629 -28.19 -7.73 8.13
CA VAL A 629 -28.95 -6.61 8.66
C VAL A 629 -30.28 -7.10 9.23
N ASN A 630 -30.58 -6.66 10.44
CA ASN A 630 -31.89 -6.90 11.05
C ASN A 630 -32.83 -5.81 10.60
N LYS A 631 -33.74 -6.12 9.69
CA LYS A 631 -34.59 -5.10 9.07
C LYS A 631 -35.57 -4.45 10.07
N GLU A 632 -35.71 -5.04 11.26
CA GLU A 632 -36.55 -4.43 12.28
C GLU A 632 -35.95 -3.12 12.80
N ASP A 633 -34.63 -3.04 12.86
CA ASP A 633 -33.97 -1.90 13.47
C ASP A 633 -32.64 -1.50 12.80
N ASP A 634 -32.29 -2.16 11.70
CA ASP A 634 -31.05 -1.91 10.97
C ASP A 634 -29.77 -2.22 11.75
N SER A 635 -29.89 -2.95 12.85
CA SER A 635 -28.72 -3.46 13.56
C SER A 635 -28.10 -4.55 12.69
N ILE A 636 -26.82 -4.82 12.90
CA ILE A 636 -26.12 -5.82 12.08
C ILE A 636 -25.54 -6.95 12.93
N ASP A 637 -25.91 -8.19 12.59
CA ASP A 637 -25.34 -9.37 13.23
C ASP A 637 -24.11 -9.82 12.43
N TRP A 638 -22.92 -9.64 13.01
CA TRP A 638 -21.69 -10.04 12.34
C TRP A 638 -21.53 -11.55 12.49
N LYS A 639 -21.94 -12.26 11.45
CA LYS A 639 -22.19 -13.70 11.54
C LYS A 639 -21.05 -14.58 11.06
N TYR A 640 -20.35 -14.15 10.01
CA TYR A 640 -19.24 -14.94 9.46
C TYR A 640 -17.95 -14.14 9.44
N HIS A 641 -16.88 -14.75 9.95
CA HIS A 641 -15.54 -14.16 9.88
C HIS A 641 -14.68 -15.04 8.98
N TYR A 642 -14.22 -14.49 7.86
CA TYR A 642 -13.34 -15.24 6.97
C TYR A 642 -11.90 -14.78 7.14
N ASP A 643 -11.01 -15.72 7.49
CA ASP A 643 -9.57 -15.44 7.60
C ASP A 643 -8.91 -15.31 6.23
N ILE A 644 -8.38 -14.12 5.91
CA ILE A 644 -7.70 -13.91 4.63
C ILE A 644 -6.42 -14.74 4.56
N ASP A 645 -5.72 -14.77 5.70
CA ASP A 645 -4.51 -15.59 5.84
C ASP A 645 -4.30 -15.74 7.34
N LEU A 646 -3.14 -16.25 7.74
CA LEU A 646 -2.89 -16.55 9.16
C LEU A 646 -3.14 -15.36 10.07
N PRO A 647 -3.54 -15.63 11.32
CA PRO A 647 -3.72 -14.52 12.27
C PRO A 647 -2.44 -13.71 12.50
N SER A 648 -1.28 -14.32 12.27
CA SER A 648 -0.01 -13.67 12.51
C SER A 648 0.57 -12.97 11.26
N TYR A 649 -0.04 -13.22 10.10
CA TYR A 649 0.45 -12.63 8.85
C TYR A 649 -0.17 -11.27 8.62
N GLY A 650 0.59 -10.39 7.97
CA GLY A 650 0.24 -8.98 7.87
C GLY A 650 -0.97 -8.66 7.02
N TYR A 651 -1.72 -7.65 7.46
CA TYR A 651 -2.89 -7.17 6.73
C TYR A 651 -3.20 -5.78 7.23
N ALA A 652 -3.14 -4.79 6.33
CA ALA A 652 -3.35 -3.42 6.76
C ALA A 652 -4.49 -2.75 5.98
N TYR A 653 -4.19 -1.69 5.24
CA TYR A 653 -5.25 -0.99 4.52
C TYR A 653 -5.79 -1.93 3.44
N SER A 654 -7.05 -1.74 3.06
CA SER A 654 -7.67 -2.68 2.12
C SER A 654 -8.76 -2.03 1.30
N ALA A 655 -9.10 -2.66 0.19
CA ALA A 655 -10.18 -2.24 -0.68
C ALA A 655 -10.98 -3.48 -1.01
N ILE A 656 -12.29 -3.37 -0.98
CA ILE A 656 -13.14 -4.48 -1.38
C ILE A 656 -14.19 -4.03 -2.36
N THR A 657 -14.54 -4.90 -3.30
CA THR A 657 -15.62 -4.56 -4.21
C THR A 657 -16.37 -5.81 -4.63
N GLU A 658 -17.67 -5.66 -4.90
CA GLU A 658 -18.42 -6.75 -5.50
C GLU A 658 -18.20 -6.70 -7.00
N LEU A 659 -17.57 -7.75 -7.54
CA LEU A 659 -17.29 -7.83 -8.96
C LEU A 659 -18.59 -8.10 -9.70
N PRO A 660 -18.65 -7.76 -11.00
CA PRO A 660 -19.92 -7.91 -11.73
C PRO A 660 -20.48 -9.32 -11.71
N ASN A 661 -19.64 -10.32 -11.49
CA ASN A 661 -20.08 -11.71 -11.47
C ASN A 661 -20.47 -12.16 -10.06
N HIS A 662 -20.53 -11.19 -9.14
CA HIS A 662 -20.89 -11.41 -7.74
C HIS A 662 -19.78 -12.05 -6.90
N HIS A 663 -18.60 -12.22 -7.48
CA HIS A 663 -17.42 -12.55 -6.70
C HIS A 663 -17.00 -11.31 -5.92
N ILE A 664 -16.03 -11.47 -5.01
CA ILE A 664 -15.55 -10.35 -4.21
C ILE A 664 -14.08 -10.16 -4.54
N GLY A 665 -13.69 -8.95 -4.92
CA GLY A 665 -12.28 -8.65 -5.16
C GLY A 665 -11.73 -7.89 -3.97
N VAL A 666 -10.53 -8.24 -3.54
CA VAL A 666 -9.89 -7.57 -2.40
C VAL A 666 -8.48 -7.19 -2.81
N LEU A 667 -8.17 -5.90 -2.70
CA LEU A 667 -6.82 -5.40 -2.91
C LEU A 667 -6.35 -4.83 -1.59
N PHE A 668 -5.23 -5.32 -1.07
CA PHE A 668 -4.90 -5.01 0.32
C PHE A 668 -3.41 -4.99 0.56
N GLU A 669 -2.99 -4.23 1.56
CA GLU A 669 -1.61 -4.24 1.99
C GLU A 669 -1.33 -5.51 2.78
N LYS A 670 -0.58 -6.45 2.18
CA LYS A 670 -0.28 -7.70 2.89
C LYS A 670 1.00 -7.56 3.70
N TYR A 671 0.97 -6.65 4.67
CA TYR A 671 2.07 -6.47 5.59
C TYR A 671 1.60 -5.52 6.67
N ASP A 672 2.42 -5.36 7.70
CA ASP A 672 2.07 -4.43 8.77
C ASP A 672 2.60 -3.05 8.40
N SER A 673 1.72 -2.20 7.88
CA SER A 673 2.13 -0.88 7.40
C SER A 673 2.30 0.14 8.53
N TRP A 674 2.19 -0.31 9.78
CA TRP A 674 2.49 0.54 10.95
C TRP A 674 3.90 0.23 11.45
N SER A 675 4.22 -1.06 11.51
CA SER A 675 5.49 -1.54 12.05
C SER A 675 6.71 -0.84 11.46
N ARG A 676 7.59 -0.39 12.34
CA ARG A 676 8.82 0.25 11.88
C ARG A 676 9.83 -0.79 11.38
N ASN A 677 9.47 -2.08 11.45
CA ASN A 677 10.33 -3.15 10.93
C ASN A 677 9.96 -3.57 9.51
N GLU A 678 8.83 -3.08 9.01
CA GLU A 678 8.32 -3.54 7.70
C GLU A 678 8.13 -2.40 6.72
N LEU A 679 8.92 -1.33 6.89
CA LEU A 679 8.94 -0.22 5.95
C LEU A 679 9.58 -0.65 4.65
N HIS A 680 9.16 -0.02 3.55
CA HIS A 680 9.89 -0.13 2.29
C HIS A 680 9.99 -1.55 1.76
N LEU A 681 8.85 -2.24 1.69
CA LEU A 681 8.78 -3.55 1.06
C LEU A 681 8.13 -3.44 -0.32
N SER A 682 8.64 -4.19 -1.29
CA SER A 682 8.06 -4.19 -2.64
C SER A 682 7.03 -5.29 -2.87
N ASN A 683 5.99 -4.99 -3.63
CA ASN A 683 5.01 -5.99 -4.06
C ASN A 683 4.31 -6.73 -2.91
N VAL A 684 3.85 -5.95 -1.93
CA VAL A 684 3.06 -6.46 -0.82
C VAL A 684 1.58 -6.02 -0.90
N VAL A 685 1.28 -5.03 -1.73
CA VAL A 685 -0.11 -4.74 -2.08
C VAL A 685 -0.56 -5.74 -3.15
N GLN A 686 -1.49 -6.62 -2.75
CA GLN A 686 -1.86 -7.78 -3.56
C GLN A 686 -3.36 -7.92 -3.70
N TYR A 687 -3.79 -8.62 -4.74
CA TYR A 687 -5.21 -8.76 -5.10
C TYR A 687 -5.63 -10.21 -5.07
N ILE A 688 -6.79 -10.49 -4.47
CA ILE A 688 -7.35 -11.84 -4.50
C ILE A 688 -8.82 -11.82 -4.91
N ASP A 689 -9.29 -12.97 -5.37
CA ASP A 689 -10.67 -13.15 -5.80
C ASP A 689 -11.32 -14.17 -4.87
N LEU A 690 -12.48 -13.80 -4.33
CA LEU A 690 -13.22 -14.69 -3.44
C LEU A 690 -14.67 -14.85 -3.88
N GLU A 691 -15.28 -15.97 -3.51
CA GLU A 691 -16.72 -16.18 -3.72
C GLU A 691 -17.41 -16.19 -2.36
N ILE A 692 -18.69 -15.84 -2.32
CA ILE A 692 -19.35 -15.71 -1.03
C ILE A 692 -19.34 -17.02 -0.23
N ASN A 693 -19.48 -18.15 -0.92
CA ASN A 693 -19.39 -19.44 -0.26
C ASN A 693 -18.04 -19.67 0.44
N ASP A 694 -16.99 -19.00 -0.04
CA ASP A 694 -15.69 -19.08 0.61
C ASP A 694 -15.75 -18.40 1.97
N LEU A 695 -16.54 -17.32 2.05
CA LEU A 695 -16.57 -16.50 3.27
C LEU A 695 -17.43 -17.16 4.34
N THR A 696 -18.54 -17.75 3.92
CA THR A 696 -19.50 -18.34 4.84
C THR A 696 -19.13 -19.80 5.10
#